data_1NW1
#
_entry.id   1NW1
#
_cell.length_a   55.372
_cell.length_b   102.141
_cell.length_c   85.369
_cell.angle_alpha   90.00
_cell.angle_beta   90.66
_cell.angle_gamma   90.00
#
_symmetry.space_group_name_H-M   'P 1 21 1'
#
loop_
_entity.id
_entity.type
_entity.pdbx_description
1 polymer 'Choline kinase (49.2 kD)'
2 non-polymer 'CALCIUM ION'
3 water water
#
_entity_poly.entity_id   1
_entity_poly.type   'polypeptide(L)'
_entity_poly.pdbx_seq_one_letter_code
;MSSRKVSRAHYDEDELASAANMSLVAEGHFRGMKELLSTMDLDTDANTIPELKERAHMLCARFLGGAWKTVPLEHLRISR
IKGGMSNMLFLCRLSEVYPPIRNEPNKVLLRVYFNPETESHLVAESVIFTLLSERHLGPKLYGIFSGGRLEEYIPSRPLS
CHEISLAHMSTKIAKRVAKVHQLEVPIWKEPDYLCEALQRWLKQLTGTVDAEHRFDLPEECGVSSVNCLDLARELEFLRA
HISLSKSPVTFCHNDLQEGNILLPKASSGNIRMPSLSDETQALGNSLSAFNPADPRLVLIDFEYASYNYRAFDFANHFIE
WTIDYDIDEAPFYKIQTENFPENDQMLEFFLNYLREQGNTRENELYKKSEDLVQETLPFVPVSHFFWGVWGLLQVELSPV
GFGFADYGRDRLSLYFKHKQLLKNLASHQ
;
_entity_poly.pdbx_strand_id   A,B
#
# COMPACT_ATOMS: atom_id res chain seq x y z
N GLY A 32 5.61 18.72 12.78
CA GLY A 32 6.83 18.22 12.10
C GLY A 32 7.01 18.87 10.73
N MET A 33 7.04 18.04 9.69
CA MET A 33 7.21 18.54 8.32
C MET A 33 6.18 19.62 8.01
N LYS A 34 4.95 19.42 8.46
CA LYS A 34 3.88 20.38 8.21
C LYS A 34 4.16 21.71 8.91
N GLU A 35 4.60 21.63 10.16
CA GLU A 35 4.92 22.82 10.95
C GLU A 35 6.06 23.59 10.29
N LEU A 36 7.04 22.86 9.76
CA LEU A 36 8.18 23.47 9.11
C LEU A 36 7.80 24.17 7.81
N LEU A 37 6.92 23.55 7.05
CA LEU A 37 6.49 24.10 5.78
C LEU A 37 5.63 25.35 5.95
N SER A 38 4.89 25.41 7.04
CA SER A 38 4.02 26.56 7.30
C SER A 38 4.83 27.84 7.50
N THR A 39 6.13 27.71 7.77
CA THR A 39 6.98 28.88 7.96
C THR A 39 7.55 29.36 6.62
N MET A 40 7.35 28.57 5.57
CA MET A 40 7.85 28.90 4.23
C MET A 40 6.75 29.55 3.36
N ASP A 41 7.18 30.15 2.25
CA ASP A 41 6.24 30.78 1.32
C ASP A 41 6.71 30.60 -0.13
N LEU A 42 5.99 31.21 -1.06
CA LEU A 42 6.31 31.10 -2.48
C LEU A 42 7.66 31.70 -2.88
N ASP A 43 8.15 32.66 -2.11
CA ASP A 43 9.43 33.30 -2.42
C ASP A 43 10.62 32.74 -1.66
N THR A 44 10.40 31.65 -0.93
CA THR A 44 11.47 31.04 -0.16
C THR A 44 12.32 30.10 -1.01
N ASP A 45 13.63 30.19 -0.83
CA ASP A 45 14.55 29.31 -1.54
C ASP A 45 14.70 28.08 -0.64
N ALA A 46 14.12 26.97 -1.07
CA ALA A 46 14.17 25.73 -0.31
C ALA A 46 15.57 25.39 0.19
N ASN A 47 16.59 25.69 -0.60
CA ASN A 47 17.97 25.40 -0.20
C ASN A 47 18.45 26.14 1.04
N THR A 48 17.72 27.19 1.43
CA THR A 48 18.13 27.98 2.59
C THR A 48 17.43 27.52 3.86
N ILE A 49 16.63 26.47 3.75
CA ILE A 49 15.92 25.93 4.90
C ILE A 49 16.61 24.62 5.27
N PRO A 50 17.58 24.68 6.19
CA PRO A 50 18.33 23.51 6.65
C PRO A 50 17.51 22.31 7.13
N GLU A 51 16.48 22.54 7.93
CA GLU A 51 15.68 21.43 8.42
C GLU A 51 14.97 20.73 7.26
N LEU A 52 14.60 21.49 6.24
CA LEU A 52 13.94 20.91 5.08
C LEU A 52 14.93 20.04 4.32
N LYS A 53 16.17 20.52 4.21
CA LYS A 53 17.19 19.76 3.52
C LYS A 53 17.52 18.48 4.31
N GLU A 54 17.50 18.59 5.64
CA GLU A 54 17.81 17.43 6.47
C GLU A 54 16.74 16.36 6.32
N ARG A 55 15.48 16.77 6.36
CA ARG A 55 14.36 15.84 6.21
C ARG A 55 14.39 15.21 4.82
N ALA A 56 14.63 16.04 3.82
CA ALA A 56 14.69 15.54 2.45
C ALA A 56 15.87 14.58 2.32
N HIS A 57 16.99 14.94 2.92
CA HIS A 57 18.18 14.08 2.87
C HIS A 57 17.89 12.70 3.48
N MET A 58 17.21 12.67 4.62
CA MET A 58 16.87 11.42 5.29
C MET A 58 15.94 10.57 4.40
N LEU A 59 14.89 11.18 3.88
CA LEU A 59 13.95 10.45 3.04
C LEU A 59 14.60 9.86 1.80
N CYS A 60 15.40 10.64 1.10
CA CYS A 60 16.07 10.16 -0.10
C CYS A 60 17.06 9.05 0.26
N ALA A 61 17.79 9.24 1.35
CA ALA A 61 18.75 8.24 1.79
C ALA A 61 18.05 6.91 2.07
N ARG A 62 17.00 6.98 2.89
CA ARG A 62 16.25 5.79 3.30
C ARG A 62 15.52 5.03 2.20
N PHE A 63 14.99 5.73 1.20
CA PHE A 63 14.27 5.10 0.12
C PHE A 63 15.10 4.84 -1.15
N LEU A 64 16.15 5.62 -1.36
CA LEU A 64 16.98 5.46 -2.56
C LEU A 64 18.37 4.87 -2.32
N GLY A 65 18.93 5.08 -1.14
CA GLY A 65 20.26 4.54 -0.85
C GLY A 65 21.36 5.09 -1.75
N GLY A 66 22.46 4.35 -1.85
CA GLY A 66 23.57 4.78 -2.70
C GLY A 66 24.14 6.13 -2.32
N ALA A 67 24.43 6.94 -3.33
CA ALA A 67 25.01 8.27 -3.11
C ALA A 67 24.15 9.15 -2.21
N TRP A 68 22.83 8.93 -2.23
CA TRP A 68 21.94 9.74 -1.39
C TRP A 68 22.23 9.57 0.09
N LYS A 69 22.85 8.45 0.46
CA LYS A 69 23.16 8.19 1.86
C LYS A 69 24.28 9.04 2.44
N THR A 70 25.31 9.32 1.64
CA THR A 70 26.45 10.08 2.12
C THR A 70 26.69 11.45 1.49
N VAL A 71 25.85 11.84 0.56
CA VAL A 71 26.02 13.14 -0.09
C VAL A 71 25.98 14.26 0.96
N PRO A 72 26.99 15.14 0.97
CA PRO A 72 26.98 16.23 1.96
C PRO A 72 25.76 17.10 1.69
N LEU A 73 25.16 17.66 2.73
CA LEU A 73 23.97 18.50 2.58
C LEU A 73 24.18 19.61 1.55
N GLU A 74 25.40 20.13 1.49
CA GLU A 74 25.74 21.21 0.57
C GLU A 74 25.62 20.75 -0.88
N HIS A 75 25.77 19.45 -1.11
CA HIS A 75 25.69 18.90 -2.45
C HIS A 75 24.32 18.30 -2.77
N LEU A 76 23.39 18.49 -1.85
CA LEU A 76 22.01 18.04 -2.03
C LEU A 76 21.27 19.33 -2.37
N ARG A 77 20.76 19.43 -3.59
CA ARG A 77 20.02 20.63 -3.99
C ARG A 77 18.51 20.38 -3.96
N ILE A 78 17.76 21.34 -3.45
CA ILE A 78 16.32 21.24 -3.35
C ILE A 78 15.66 22.48 -3.93
N SER A 79 14.69 22.26 -4.82
CA SER A 79 13.94 23.35 -5.45
C SER A 79 12.44 23.09 -5.29
N ARG A 80 11.70 24.13 -4.94
CA ARG A 80 10.26 24.02 -4.82
C ARG A 80 9.76 23.96 -6.26
N ILE A 81 8.83 23.05 -6.54
CA ILE A 81 8.28 22.91 -7.88
C ILE A 81 6.79 23.28 -7.77
N LYS A 82 6.29 24.04 -8.75
CA LYS A 82 4.89 24.45 -8.72
C LYS A 82 3.96 23.25 -8.90
N GLY A 83 2.89 23.23 -8.11
CA GLY A 83 1.94 22.13 -8.22
C GLY A 83 0.55 22.51 -7.76
N GLY A 84 -0.36 21.54 -7.75
CA GLY A 84 -1.72 21.80 -7.31
C GLY A 84 -1.78 22.13 -5.84
N MET A 85 -2.93 22.63 -5.37
CA MET A 85 -3.05 23.02 -3.97
C MET A 85 -3.13 21.86 -3.00
N SER A 86 -3.23 20.63 -3.49
CA SER A 86 -3.29 19.46 -2.62
C SER A 86 -1.92 19.06 -2.08
N ASN A 87 -0.86 19.58 -2.67
CA ASN A 87 0.47 19.18 -2.21
C ASN A 87 1.58 20.19 -2.41
N MET A 88 2.69 19.97 -1.70
CA MET A 88 3.88 20.82 -1.85
C MET A 88 4.91 19.89 -2.48
N LEU A 89 5.55 20.36 -3.55
CA LEU A 89 6.51 19.55 -4.27
C LEU A 89 7.94 20.10 -4.19
N PHE A 90 8.91 19.19 -4.00
CA PHE A 90 10.32 19.57 -3.93
C PHE A 90 11.17 18.63 -4.76
N LEU A 91 11.91 19.19 -5.71
CA LEU A 91 12.79 18.37 -6.54
C LEU A 91 14.14 18.33 -5.82
N CYS A 92 14.56 17.13 -5.46
CA CYS A 92 15.82 16.91 -4.75
C CYS A 92 16.84 16.38 -5.74
N ARG A 93 18.05 16.92 -5.72
CA ARG A 93 19.08 16.46 -6.66
C ARG A 93 20.49 16.38 -6.09
N LEU A 94 21.25 15.43 -6.62
CA LEU A 94 22.64 15.25 -6.21
C LEU A 94 23.46 16.14 -7.13
N SER A 95 24.43 16.87 -6.59
CA SER A 95 25.26 17.73 -7.44
C SER A 95 26.06 16.81 -8.35
N GLU A 96 26.77 17.39 -9.32
CA GLU A 96 27.56 16.58 -10.24
C GLU A 96 28.78 16.00 -9.52
N VAL A 97 29.06 16.50 -8.31
CA VAL A 97 30.20 16.02 -7.54
C VAL A 97 29.92 14.68 -6.87
N TYR A 98 28.66 14.41 -6.56
CA TYR A 98 28.28 13.15 -5.93
C TYR A 98 27.23 12.42 -6.74
N PRO A 99 27.63 11.89 -7.91
CA PRO A 99 26.73 11.17 -8.81
C PRO A 99 26.34 9.78 -8.27
N PRO A 100 25.30 9.17 -8.85
CA PRO A 100 24.82 7.85 -8.45
C PRO A 100 25.94 6.81 -8.54
N ILE A 101 26.03 5.95 -7.53
CA ILE A 101 27.06 4.92 -7.52
C ILE A 101 26.50 3.58 -7.96
N ARG A 102 25.19 3.54 -8.16
CA ARG A 102 24.51 2.33 -8.59
C ARG A 102 23.36 2.64 -9.55
N ASN A 103 22.17 2.15 -9.23
CA ASN A 103 21.00 2.35 -10.08
C ASN A 103 20.05 3.40 -9.53
N GLU A 104 20.48 4.13 -8.51
CA GLU A 104 19.63 5.16 -7.93
C GLU A 104 19.61 6.38 -8.86
N PRO A 105 18.48 7.08 -8.93
CA PRO A 105 18.39 8.26 -9.81
C PRO A 105 19.24 9.40 -9.23
N ASN A 106 19.57 10.38 -10.08
CA ASN A 106 20.36 11.52 -9.64
C ASN A 106 19.44 12.63 -9.13
N LYS A 107 18.14 12.41 -9.25
CA LYS A 107 17.16 13.39 -8.78
C LYS A 107 15.82 12.69 -8.58
N VAL A 108 15.01 13.22 -7.66
CA VAL A 108 13.72 12.63 -7.37
C VAL A 108 12.77 13.71 -6.86
N LEU A 109 11.48 13.52 -7.13
CA LEU A 109 10.46 14.46 -6.70
C LEU A 109 9.84 14.01 -5.38
N LEU A 110 9.91 14.87 -4.39
CA LEU A 110 9.33 14.62 -3.08
C LEU A 110 7.98 15.33 -3.07
N ARG A 111 6.90 14.58 -2.81
CA ARG A 111 5.55 15.15 -2.78
C ARG A 111 5.00 15.04 -1.37
N VAL A 112 4.58 16.15 -0.79
CA VAL A 112 4.03 16.12 0.56
C VAL A 112 2.54 16.48 0.50
N TYR A 113 1.71 15.68 1.15
CA TYR A 113 0.27 15.92 1.16
C TYR A 113 -0.21 16.25 2.56
N PHE A 114 -1.44 16.74 2.68
CA PHE A 114 -1.97 17.12 3.98
C PHE A 114 -3.39 16.61 4.21
N ASN A 115 -3.71 15.49 3.60
CA ASN A 115 -5.02 14.87 3.75
C ASN A 115 -4.89 13.85 4.88
N PRO A 116 -5.85 13.81 5.81
CA PRO A 116 -5.74 12.82 6.90
C PRO A 116 -5.76 11.41 6.32
N GLU A 117 -4.75 10.61 6.65
CA GLU A 117 -4.67 9.25 6.14
C GLU A 117 -5.54 8.24 6.86
N THR A 118 -5.97 7.22 6.12
CA THR A 118 -6.80 6.14 6.66
C THR A 118 -6.23 4.82 6.17
N GLU A 119 -6.52 3.75 6.91
CA GLU A 119 -6.03 2.41 6.56
C GLU A 119 -6.36 2.07 5.12
N SER A 120 -7.63 2.22 4.76
CA SER A 120 -8.09 1.90 3.42
C SER A 120 -7.39 2.73 2.34
N HIS A 121 -7.07 3.97 2.67
CA HIS A 121 -6.39 4.89 1.73
C HIS A 121 -4.92 4.55 1.57
N LEU A 122 -4.24 4.28 2.69
CA LEU A 122 -2.85 3.92 2.65
C LEU A 122 -2.68 2.70 1.75
N VAL A 123 -3.58 1.74 1.87
CA VAL A 123 -3.50 0.54 1.05
C VAL A 123 -3.80 0.83 -0.41
N ALA A 124 -4.96 1.46 -0.68
CA ALA A 124 -5.34 1.78 -2.05
C ALA A 124 -4.26 2.56 -2.81
N GLU A 125 -3.75 3.61 -2.17
CA GLU A 125 -2.72 4.43 -2.79
C GLU A 125 -1.45 3.65 -3.08
N SER A 126 -1.06 2.77 -2.16
CA SER A 126 0.14 1.98 -2.38
C SER A 126 -0.06 1.06 -3.56
N VAL A 127 -1.23 0.41 -3.63
CA VAL A 127 -1.51 -0.48 -4.75
C VAL A 127 -1.53 0.29 -6.06
N ILE A 128 -2.26 1.39 -6.06
CA ILE A 128 -2.38 2.20 -7.26
C ILE A 128 -1.04 2.74 -7.78
N PHE A 129 -0.26 3.37 -6.90
CA PHE A 129 1.04 3.90 -7.32
C PHE A 129 1.99 2.80 -7.79
N THR A 130 2.02 1.68 -7.08
CA THR A 130 2.90 0.59 -7.48
C THR A 130 2.49 0.05 -8.84
N LEU A 131 1.19 -0.10 -9.05
CA LEU A 131 0.66 -0.60 -10.31
C LEU A 131 0.96 0.33 -11.47
N LEU A 132 0.79 1.63 -11.27
CA LEU A 132 1.05 2.59 -12.35
C LEU A 132 2.53 2.57 -12.71
N SER A 133 3.37 2.50 -11.67
CA SER A 133 4.82 2.46 -11.81
C SER A 133 5.25 1.21 -12.59
N GLU A 134 4.82 0.05 -12.11
CA GLU A 134 5.16 -1.22 -12.74
C GLU A 134 4.75 -1.33 -14.20
N ARG A 135 3.61 -0.75 -14.55
CA ARG A 135 3.13 -0.82 -15.93
C ARG A 135 3.60 0.35 -16.77
N HIS A 136 4.47 1.19 -16.21
CA HIS A 136 4.99 2.35 -16.91
C HIS A 136 3.87 3.25 -17.43
N LEU A 137 2.86 3.47 -16.59
CA LEU A 137 1.72 4.31 -16.93
C LEU A 137 1.87 5.64 -16.18
N GLY A 138 2.96 5.77 -15.44
CA GLY A 138 3.23 6.97 -14.70
C GLY A 138 4.67 7.02 -14.22
N PRO A 139 5.08 8.09 -13.51
CA PRO A 139 6.45 8.17 -13.02
C PRO A 139 6.78 6.99 -12.10
N LYS A 140 8.02 6.49 -12.19
CA LYS A 140 8.42 5.38 -11.35
C LYS A 140 8.27 5.75 -9.87
N LEU A 141 7.76 4.83 -9.08
CA LEU A 141 7.58 5.08 -7.65
C LEU A 141 8.87 4.71 -6.93
N TYR A 142 9.30 5.53 -5.99
CA TYR A 142 10.52 5.25 -5.24
C TYR A 142 10.23 4.94 -3.78
N GLY A 143 9.14 5.49 -3.27
CA GLY A 143 8.79 5.23 -1.89
C GLY A 143 7.56 5.99 -1.42
N ILE A 144 6.88 5.41 -0.44
CA ILE A 144 5.69 6.01 0.15
C ILE A 144 5.88 6.12 1.64
N PHE A 145 5.70 7.30 2.18
CA PHE A 145 5.84 7.49 3.62
C PHE A 145 4.59 8.20 4.15
N SER A 146 4.57 8.49 5.44
CA SER A 146 3.43 9.15 6.06
C SER A 146 3.31 10.60 5.59
N GLY A 147 2.27 10.90 4.82
CA GLY A 147 2.09 12.25 4.34
C GLY A 147 2.77 12.59 3.02
N GLY A 148 3.23 11.59 2.29
CA GLY A 148 3.86 11.88 1.01
C GLY A 148 4.52 10.71 0.32
N ARG A 149 5.27 11.02 -0.73
CA ARG A 149 5.96 9.97 -1.48
C ARG A 149 7.08 10.54 -2.36
N LEU A 150 7.97 9.65 -2.78
CA LEU A 150 9.09 10.00 -3.65
C LEU A 150 8.84 9.31 -4.97
N GLU A 151 8.94 10.07 -6.08
CA GLU A 151 8.74 9.49 -7.38
C GLU A 151 9.63 10.15 -8.43
N GLU A 152 9.79 9.50 -9.56
CA GLU A 152 10.60 10.02 -10.66
C GLU A 152 10.10 11.41 -11.09
N TYR A 153 11.05 12.29 -11.37
CA TYR A 153 10.72 13.65 -11.82
C TYR A 153 10.57 13.61 -13.33
N ILE A 154 9.49 14.20 -13.84
CA ILE A 154 9.27 14.21 -15.28
C ILE A 154 9.38 15.62 -15.89
N PRO A 155 10.42 15.85 -16.72
CA PRO A 155 10.56 17.18 -17.34
C PRO A 155 9.33 17.41 -18.19
N SER A 156 8.56 18.44 -17.85
CA SER A 156 7.33 18.72 -18.56
C SER A 156 6.74 20.01 -18.06
N ARG A 157 5.53 20.30 -18.51
CA ARG A 157 4.79 21.47 -18.07
C ARG A 157 3.33 21.04 -18.01
N PRO A 158 2.56 21.59 -17.07
CA PRO A 158 1.17 21.19 -16.98
C PRO A 158 0.33 22.04 -17.94
N LEU A 159 -0.91 21.64 -18.18
CA LEU A 159 -1.77 22.40 -19.05
C LEU A 159 -2.36 23.54 -18.23
N SER A 160 -2.75 24.61 -18.90
CA SER A 160 -3.37 25.74 -18.22
C SER A 160 -4.84 25.43 -18.17
N CYS A 161 -5.59 26.22 -17.39
CA CYS A 161 -7.02 26.03 -17.30
C CYS A 161 -7.61 26.24 -18.70
N HIS A 162 -7.17 27.30 -19.36
CA HIS A 162 -7.67 27.59 -20.70
C HIS A 162 -7.38 26.47 -21.69
N GLU A 163 -6.18 25.90 -21.64
CA GLU A 163 -5.84 24.83 -22.56
C GLU A 163 -6.73 23.58 -22.51
N ILE A 164 -7.24 23.21 -21.35
CA ILE A 164 -8.07 22.01 -21.30
C ILE A 164 -9.41 22.18 -21.99
N SER A 165 -9.76 23.42 -22.31
CA SER A 165 -11.01 23.72 -23.00
C SER A 165 -10.79 23.67 -24.52
N LEU A 166 -9.54 23.57 -24.93
CA LEU A 166 -9.22 23.51 -26.36
C LEU A 166 -9.53 22.13 -26.92
N ALA A 167 -10.13 22.10 -28.10
CA ALA A 167 -10.52 20.86 -28.76
C ALA A 167 -9.40 19.82 -28.89
N HIS A 168 -8.26 20.23 -29.44
CA HIS A 168 -7.16 19.29 -29.63
C HIS A 168 -6.65 18.73 -28.31
N MET A 169 -6.67 19.55 -27.26
CA MET A 169 -6.23 19.09 -25.95
C MET A 169 -7.31 18.25 -25.28
N SER A 170 -8.56 18.70 -25.39
CA SER A 170 -9.69 18.00 -24.79
C SER A 170 -9.81 16.58 -25.35
N THR A 171 -9.55 16.45 -26.64
CA THR A 171 -9.62 15.16 -27.31
C THR A 171 -8.58 14.21 -26.73
N LYS A 172 -7.36 14.70 -26.54
CA LYS A 172 -6.31 13.86 -25.99
C LYS A 172 -6.62 13.45 -24.56
N ILE A 173 -7.15 14.38 -23.78
CA ILE A 173 -7.50 14.09 -22.39
C ILE A 173 -8.58 13.01 -22.37
N ALA A 174 -9.61 13.19 -23.20
CA ALA A 174 -10.70 12.23 -23.27
C ALA A 174 -10.15 10.83 -23.51
N LYS A 175 -9.17 10.73 -24.39
CA LYS A 175 -8.56 9.44 -24.71
C LYS A 175 -7.77 8.83 -23.56
N ARG A 176 -7.11 9.67 -22.77
CA ARG A 176 -6.33 9.17 -21.63
C ARG A 176 -7.29 8.69 -20.55
N VAL A 177 -8.39 9.43 -20.36
CA VAL A 177 -9.36 9.04 -19.35
C VAL A 177 -10.01 7.71 -19.73
N ALA A 178 -10.26 7.50 -21.01
CA ALA A 178 -10.86 6.26 -21.48
C ALA A 178 -9.96 5.10 -21.05
N LYS A 179 -8.65 5.31 -21.12
CA LYS A 179 -7.68 4.28 -20.73
C LYS A 179 -7.66 4.04 -19.23
N VAL A 180 -7.67 5.12 -18.44
CA VAL A 180 -7.67 4.99 -16.98
C VAL A 180 -8.90 4.19 -16.55
N HIS A 181 -10.04 4.49 -17.17
CA HIS A 181 -11.29 3.82 -16.84
C HIS A 181 -11.35 2.36 -17.26
N GLN A 182 -10.35 1.92 -18.03
CA GLN A 182 -10.29 0.53 -18.46
C GLN A 182 -9.35 -0.28 -17.57
N LEU A 183 -8.65 0.40 -16.66
CA LEU A 183 -7.73 -0.29 -15.76
C LEU A 183 -8.38 -1.20 -14.74
N GLU A 184 -7.78 -2.36 -14.53
CA GLU A 184 -8.26 -3.30 -13.53
C GLU A 184 -7.28 -3.19 -12.35
N VAL A 185 -7.74 -2.57 -11.27
CA VAL A 185 -6.90 -2.38 -10.10
C VAL A 185 -7.41 -3.19 -8.92
N PRO A 186 -6.51 -3.94 -8.25
CA PRO A 186 -6.91 -4.78 -7.11
C PRO A 186 -7.22 -4.01 -5.81
N ILE A 187 -8.28 -3.22 -5.85
CA ILE A 187 -8.74 -2.45 -4.70
C ILE A 187 -10.28 -2.54 -4.68
N TRP A 188 -10.90 -1.99 -3.63
CA TRP A 188 -12.35 -1.98 -3.48
C TRP A 188 -13.03 -1.56 -4.79
N LYS A 189 -13.95 -2.39 -5.29
CA LYS A 189 -14.65 -2.11 -6.54
C LYS A 189 -15.94 -1.30 -6.45
N GLU A 190 -16.51 -1.18 -5.27
CA GLU A 190 -17.73 -0.41 -5.11
C GLU A 190 -17.37 1.07 -4.93
N PRO A 191 -18.20 1.97 -5.48
CA PRO A 191 -18.00 3.43 -5.40
C PRO A 191 -18.27 4.06 -4.04
N ASP A 192 -17.61 3.56 -3.00
CA ASP A 192 -17.80 4.10 -1.65
C ASP A 192 -16.79 5.19 -1.29
N TYR A 193 -15.76 5.33 -2.11
CA TYR A 193 -14.73 6.34 -1.83
C TYR A 193 -15.25 7.74 -1.51
N LEU A 194 -16.00 8.32 -2.44
CA LEU A 194 -16.54 9.67 -2.26
C LEU A 194 -17.14 9.91 -0.87
N CYS A 195 -18.10 9.08 -0.48
CA CYS A 195 -18.74 9.28 0.81
C CYS A 195 -17.86 8.88 1.98
N GLU A 196 -17.05 7.85 1.82
CA GLU A 196 -16.16 7.42 2.89
C GLU A 196 -15.18 8.53 3.23
N ALA A 197 -14.54 9.10 2.20
CA ALA A 197 -13.58 10.18 2.40
C ALA A 197 -14.25 11.40 3.03
N LEU A 198 -15.37 11.82 2.46
CA LEU A 198 -16.11 12.97 2.97
C LEU A 198 -16.53 12.80 4.42
N GLN A 199 -17.00 11.60 4.76
CA GLN A 199 -17.44 11.31 6.11
C GLN A 199 -16.30 11.51 7.10
N ARG A 200 -15.12 11.03 6.74
CA ARG A 200 -13.95 11.16 7.58
C ARG A 200 -13.53 12.64 7.67
N TRP A 201 -13.48 13.30 6.52
CA TRP A 201 -13.08 14.71 6.50
C TRP A 201 -14.04 15.55 7.33
N LEU A 202 -15.34 15.35 7.11
CA LEU A 202 -16.35 16.09 7.83
C LEU A 202 -16.19 15.89 9.33
N LYS A 203 -15.94 14.65 9.72
CA LYS A 203 -15.75 14.30 11.12
C LYS A 203 -14.59 15.08 11.73
N GLN A 204 -13.46 15.11 11.01
CA GLN A 204 -12.29 15.82 11.50
C GLN A 204 -12.54 17.33 11.54
N LEU A 205 -13.22 17.85 10.52
CA LEU A 205 -13.55 19.26 10.47
C LEU A 205 -14.40 19.60 11.69
N THR A 206 -15.37 18.73 11.98
CA THR A 206 -16.27 18.91 13.11
C THR A 206 -15.47 19.06 14.41
N GLY A 207 -14.43 18.25 14.54
CA GLY A 207 -13.61 18.31 15.75
C GLY A 207 -12.64 19.48 15.77
N THR A 208 -12.52 20.21 14.66
CA THR A 208 -11.59 21.33 14.58
C THR A 208 -12.24 22.70 14.77
N VAL A 209 -13.57 22.76 14.66
CA VAL A 209 -14.26 24.02 14.79
C VAL A 209 -15.30 24.09 15.89
N ASP A 210 -15.52 25.30 16.41
CA ASP A 210 -16.48 25.54 17.47
C ASP A 210 -17.84 24.92 17.09
N ALA A 211 -18.49 24.28 18.06
CA ALA A 211 -19.78 23.64 17.82
C ALA A 211 -20.79 24.63 17.23
N GLU A 212 -20.70 25.88 17.66
CA GLU A 212 -21.60 26.92 17.18
C GLU A 212 -21.07 27.59 15.91
N HIS A 213 -19.90 27.16 15.45
CA HIS A 213 -19.30 27.74 14.26
C HIS A 213 -20.10 27.45 13.01
N ARG A 214 -20.27 28.48 12.19
CA ARG A 214 -21.00 28.33 10.93
C ARG A 214 -20.17 28.93 9.81
N PHE A 215 -20.20 28.31 8.64
CA PHE A 215 -19.46 28.80 7.50
C PHE A 215 -20.45 29.57 6.62
N ASP A 216 -20.17 30.86 6.41
CA ASP A 216 -21.07 31.67 5.61
C ASP A 216 -20.90 31.38 4.12
N LEU A 217 -22.01 31.38 3.39
CA LEU A 217 -21.98 31.13 1.97
C LEU A 217 -22.67 32.27 1.23
N PRO A 218 -22.25 32.56 -0.01
CA PRO A 218 -22.90 33.65 -0.75
C PRO A 218 -24.39 33.35 -0.89
N GLU A 219 -25.22 34.24 -0.36
CA GLU A 219 -26.68 34.07 -0.38
C GLU A 219 -27.27 33.69 -1.73
N GLU A 220 -26.66 34.16 -2.80
CA GLU A 220 -27.15 33.87 -4.15
C GLU A 220 -27.23 32.38 -4.48
N CYS A 221 -26.69 31.54 -3.62
CA CYS A 221 -26.71 30.09 -3.87
C CYS A 221 -27.97 29.44 -3.32
N GLY A 222 -28.66 30.14 -2.42
CA GLY A 222 -29.88 29.59 -1.84
C GLY A 222 -29.76 29.22 -0.37
N VAL A 223 -28.53 29.20 0.13
CA VAL A 223 -28.27 28.87 1.53
C VAL A 223 -27.27 29.91 2.02
N SER A 224 -27.59 30.60 3.12
CA SER A 224 -26.70 31.64 3.63
C SER A 224 -25.53 31.15 4.49
N SER A 225 -25.69 29.99 5.12
CA SER A 225 -24.61 29.43 5.94
C SER A 225 -24.91 28.00 6.34
N VAL A 226 -23.88 27.32 6.84
CA VAL A 226 -24.02 25.93 7.29
C VAL A 226 -23.01 25.63 8.38
N ASN A 227 -23.34 24.68 9.25
CA ASN A 227 -22.42 24.25 10.29
C ASN A 227 -22.13 22.82 9.91
N CYS A 228 -21.32 22.12 10.69
CA CYS A 228 -20.98 20.74 10.36
C CYS A 228 -22.18 19.79 10.42
N LEU A 229 -23.17 20.13 11.25
CA LEU A 229 -24.37 19.29 11.35
C LEU A 229 -25.14 19.33 10.03
N ASP A 230 -25.24 20.51 9.44
CA ASP A 230 -25.93 20.64 8.16
C ASP A 230 -25.19 19.84 7.10
N LEU A 231 -23.88 20.04 7.03
CA LEU A 231 -23.04 19.33 6.06
C LEU A 231 -23.22 17.84 6.25
N ALA A 232 -23.43 17.42 7.50
CA ALA A 232 -23.65 16.02 7.80
C ALA A 232 -24.93 15.60 7.08
N ARG A 233 -25.96 16.42 7.22
CA ARG A 233 -27.24 16.13 6.57
C ARG A 233 -27.09 16.12 5.05
N GLU A 234 -26.36 17.10 4.51
CA GLU A 234 -26.17 17.17 3.07
C GLU A 234 -25.47 15.92 2.55
N LEU A 235 -24.48 15.44 3.29
CA LEU A 235 -23.76 14.24 2.88
C LEU A 235 -24.72 13.05 2.79
N GLU A 236 -25.63 12.94 3.74
CA GLU A 236 -26.59 11.84 3.72
C GLU A 236 -27.45 11.97 2.47
N PHE A 237 -27.85 13.19 2.15
CA PHE A 237 -28.67 13.43 0.96
C PHE A 237 -27.88 12.98 -0.26
N LEU A 238 -26.64 13.44 -0.35
CA LEU A 238 -25.77 13.09 -1.48
C LEU A 238 -25.61 11.57 -1.57
N ARG A 239 -25.32 10.94 -0.43
CA ARG A 239 -25.14 9.49 -0.39
C ARG A 239 -26.40 8.77 -0.91
N ALA A 240 -27.56 9.18 -0.43
CA ALA A 240 -28.83 8.57 -0.84
C ALA A 240 -29.15 8.70 -2.32
N HIS A 241 -28.74 9.80 -2.94
CA HIS A 241 -29.03 10.00 -4.35
C HIS A 241 -27.99 9.46 -5.34
N ILE A 242 -26.70 9.56 -5.00
CA ILE A 242 -25.70 9.04 -5.93
C ILE A 242 -25.82 7.54 -6.09
N SER A 243 -26.23 6.86 -5.02
CA SER A 243 -26.37 5.41 -5.05
C SER A 243 -27.46 5.00 -6.05
N LEU A 244 -28.24 5.97 -6.52
CA LEU A 244 -29.31 5.69 -7.47
C LEU A 244 -28.81 5.82 -8.91
N SER A 245 -27.62 6.36 -9.08
CA SER A 245 -27.06 6.54 -10.42
C SER A 245 -26.77 5.23 -11.11
N LYS A 246 -27.00 5.19 -12.42
CA LYS A 246 -26.72 3.99 -13.19
C LYS A 246 -25.39 4.17 -13.92
N SER A 247 -24.65 5.21 -13.54
CA SER A 247 -23.36 5.47 -14.16
C SER A 247 -22.42 4.30 -13.87
N PRO A 248 -21.92 3.66 -14.93
CA PRO A 248 -21.02 2.52 -14.75
C PRO A 248 -19.86 2.89 -13.83
N VAL A 249 -19.51 1.97 -12.94
CA VAL A 249 -18.42 2.19 -11.99
C VAL A 249 -17.10 1.76 -12.62
N THR A 250 -16.09 2.61 -12.55
CA THR A 250 -14.80 2.26 -13.13
C THR A 250 -13.69 2.82 -12.25
N PHE A 251 -12.46 2.42 -12.55
CA PHE A 251 -11.34 2.95 -11.79
C PHE A 251 -11.33 4.42 -12.25
N CYS A 252 -11.28 5.36 -11.32
CA CYS A 252 -11.28 6.78 -11.67
C CYS A 252 -10.10 7.55 -11.05
N HIS A 253 -9.71 8.64 -11.70
CA HIS A 253 -8.62 9.50 -11.22
C HIS A 253 -9.18 10.37 -10.08
N ASN A 254 -10.36 10.94 -10.31
CA ASN A 254 -11.06 11.78 -9.34
C ASN A 254 -10.53 13.21 -9.13
N ASP A 255 -9.52 13.62 -9.89
CA ASP A 255 -8.96 14.96 -9.70
C ASP A 255 -8.34 15.38 -11.02
N LEU A 256 -9.13 15.28 -12.07
CA LEU A 256 -8.66 15.62 -13.41
C LEU A 256 -8.54 17.11 -13.69
N GLN A 257 -7.83 17.83 -12.82
CA GLN A 257 -7.63 19.26 -13.05
C GLN A 257 -6.37 19.43 -13.92
N GLU A 258 -6.27 20.58 -14.58
CA GLU A 258 -5.13 20.86 -15.46
C GLU A 258 -3.76 20.58 -14.85
N GLY A 259 -3.62 20.84 -13.55
CA GLY A 259 -2.34 20.62 -12.89
C GLY A 259 -1.84 19.19 -12.95
N ASN A 260 -2.74 18.24 -13.16
CA ASN A 260 -2.35 16.84 -13.23
C ASN A 260 -2.35 16.31 -14.66
N ILE A 261 -2.37 17.22 -15.62
CA ILE A 261 -2.35 16.85 -17.04
C ILE A 261 -1.09 17.48 -17.61
N LEU A 262 -0.08 16.64 -17.87
CA LEU A 262 1.20 17.14 -18.35
C LEU A 262 1.60 16.82 -19.78
N LEU A 263 2.45 17.68 -20.32
CA LEU A 263 3.00 17.52 -21.65
C LEU A 263 4.49 17.30 -21.41
N PRO A 264 4.94 16.05 -21.51
CA PRO A 264 6.36 15.70 -21.29
C PRO A 264 7.29 16.34 -22.33
N LYS A 265 8.48 16.72 -21.90
CA LYS A 265 9.44 17.32 -22.81
C LYS A 265 10.02 16.29 -23.78
N ARG A 296 1.65 14.39 -26.87
CA ARG A 296 1.56 13.28 -25.94
C ARG A 296 1.30 13.79 -24.53
N LEU A 297 0.07 13.64 -24.06
CA LEU A 297 -0.28 14.09 -22.72
C LEU A 297 -0.25 12.91 -21.77
N VAL A 298 0.04 13.20 -20.50
CA VAL A 298 0.06 12.15 -19.50
C VAL A 298 -0.75 12.65 -18.31
N LEU A 299 -1.42 11.73 -17.63
CA LEU A 299 -2.21 12.07 -16.45
C LEU A 299 -1.42 11.55 -15.27
N ILE A 300 -1.11 12.40 -14.31
CA ILE A 300 -0.39 11.92 -13.14
C ILE A 300 -1.10 12.27 -11.84
N ASP A 301 -0.44 11.93 -10.74
CA ASP A 301 -0.90 12.10 -9.37
C ASP A 301 -2.29 11.53 -9.09
N PHE A 302 -2.34 10.21 -8.93
CA PHE A 302 -3.60 9.51 -8.65
C PHE A 302 -3.88 9.48 -7.15
N GLU A 303 -3.51 10.56 -6.48
CA GLU A 303 -3.71 10.72 -5.03
C GLU A 303 -5.13 10.41 -4.54
N TYR A 304 -6.12 10.76 -5.36
CA TYR A 304 -7.53 10.58 -4.98
C TYR A 304 -8.20 9.47 -5.77
N ALA A 305 -7.41 8.72 -6.53
CA ALA A 305 -7.96 7.68 -7.39
C ALA A 305 -8.65 6.55 -6.64
N SER A 306 -9.70 6.01 -7.24
CA SER A 306 -10.45 4.91 -6.64
C SER A 306 -11.53 4.48 -7.63
N TYR A 307 -12.20 3.37 -7.34
CA TYR A 307 -13.28 2.97 -8.22
C TYR A 307 -14.37 3.98 -7.91
N ASN A 308 -15.15 4.38 -8.90
CA ASN A 308 -16.15 5.40 -8.66
C ASN A 308 -17.02 5.49 -9.90
N TYR A 309 -18.16 6.17 -9.78
CA TYR A 309 -19.02 6.34 -10.94
C TYR A 309 -18.13 7.08 -11.95
N ARG A 310 -18.11 6.62 -13.19
CA ARG A 310 -17.28 7.27 -14.20
C ARG A 310 -17.75 8.71 -14.39
N ALA A 311 -19.02 8.95 -14.11
CA ALA A 311 -19.61 10.28 -14.23
C ALA A 311 -18.95 11.29 -13.29
N PHE A 312 -18.46 10.85 -12.14
CA PHE A 312 -17.81 11.80 -11.25
C PHE A 312 -16.55 12.34 -11.95
N ASP A 313 -15.76 11.46 -12.55
CA ASP A 313 -14.54 11.88 -13.23
C ASP A 313 -14.87 12.92 -14.29
N PHE A 314 -15.90 12.65 -15.09
CA PHE A 314 -16.31 13.58 -16.15
C PHE A 314 -16.78 14.92 -15.60
N ALA A 315 -17.74 14.88 -14.69
CA ALA A 315 -18.28 16.08 -14.09
C ALA A 315 -17.20 16.92 -13.44
N ASN A 316 -16.34 16.27 -12.65
CA ASN A 316 -15.26 16.98 -11.98
C ASN A 316 -14.31 17.63 -12.98
N HIS A 317 -14.01 16.91 -14.07
CA HIS A 317 -13.12 17.47 -15.08
C HIS A 317 -13.74 18.66 -15.76
N PHE A 318 -15.01 18.55 -16.12
CA PHE A 318 -15.69 19.65 -16.80
C PHE A 318 -15.75 20.88 -15.90
N ILE A 319 -15.92 20.67 -14.59
CA ILE A 319 -15.96 21.77 -13.65
C ILE A 319 -14.60 22.47 -13.61
N GLU A 320 -13.53 21.71 -13.79
CA GLU A 320 -12.19 22.28 -13.76
C GLU A 320 -11.93 23.31 -14.87
N TRP A 321 -12.73 23.26 -15.93
CA TRP A 321 -12.65 24.22 -17.03
C TRP A 321 -12.95 25.61 -16.48
N THR A 322 -13.75 25.66 -15.41
CA THR A 322 -14.16 26.93 -14.81
C THR A 322 -13.29 27.43 -13.66
N ILE A 323 -12.40 26.58 -13.16
CA ILE A 323 -11.54 27.00 -12.06
C ILE A 323 -10.09 27.15 -12.54
N ASP A 324 -9.57 28.36 -12.38
CA ASP A 324 -8.22 28.70 -12.79
C ASP A 324 -7.39 28.92 -11.53
N TYR A 325 -6.29 28.19 -11.41
CA TYR A 325 -5.41 28.28 -10.23
C TYR A 325 -4.17 29.16 -10.45
N ASP A 326 -3.99 29.67 -11.67
CA ASP A 326 -2.85 30.53 -11.98
C ASP A 326 -3.23 31.97 -11.67
N ILE A 327 -3.53 32.25 -10.42
CA ILE A 327 -3.93 33.57 -9.99
C ILE A 327 -2.97 34.07 -8.92
N ASP A 328 -2.35 35.23 -9.17
CA ASP A 328 -1.38 35.81 -8.25
C ASP A 328 -1.94 36.46 -7.00
N GLU A 329 -3.19 36.91 -7.06
CA GLU A 329 -3.81 37.55 -5.91
C GLU A 329 -4.75 36.59 -5.18
N ALA A 330 -4.89 36.79 -3.87
CA ALA A 330 -5.76 35.96 -3.06
C ALA A 330 -7.20 36.04 -3.57
N PRO A 331 -7.99 34.97 -3.38
CA PRO A 331 -7.64 33.71 -2.71
C PRO A 331 -6.75 32.78 -3.54
N PHE A 332 -6.21 33.30 -4.64
CA PHE A 332 -5.31 32.55 -5.52
C PHE A 332 -5.96 31.53 -6.46
N TYR A 333 -7.19 31.81 -6.88
CA TYR A 333 -7.91 30.96 -7.82
C TYR A 333 -9.07 31.83 -8.30
N LYS A 334 -9.58 31.54 -9.49
CA LYS A 334 -10.70 32.30 -10.03
C LYS A 334 -11.68 31.37 -10.71
N ILE A 335 -12.96 31.55 -10.40
CA ILE A 335 -14.00 30.71 -10.99
C ILE A 335 -14.84 31.52 -11.96
N GLN A 336 -15.01 30.98 -13.16
CA GLN A 336 -15.81 31.61 -14.19
C GLN A 336 -16.73 30.53 -14.75
N THR A 337 -17.88 30.38 -14.11
CA THR A 337 -18.87 29.38 -14.48
C THR A 337 -19.22 29.43 -15.97
N GLU A 338 -19.08 30.60 -16.58
CA GLU A 338 -19.39 30.76 -17.99
C GLU A 338 -18.46 29.94 -18.88
N ASN A 339 -17.33 29.50 -18.33
CA ASN A 339 -16.38 28.70 -19.09
C ASN A 339 -16.68 27.20 -19.08
N PHE A 340 -17.72 26.81 -18.35
CA PHE A 340 -18.11 25.41 -18.28
C PHE A 340 -18.38 24.96 -19.71
N PRO A 341 -17.94 23.75 -20.08
CA PRO A 341 -18.18 23.28 -21.44
C PRO A 341 -19.66 23.30 -21.84
N GLU A 342 -19.91 23.62 -23.11
CA GLU A 342 -21.26 23.64 -23.65
C GLU A 342 -21.66 22.19 -23.82
N ASN A 343 -22.95 21.95 -23.98
CA ASN A 343 -23.47 20.59 -24.16
C ASN A 343 -22.71 19.86 -25.27
N ASP A 344 -22.60 20.50 -26.43
CA ASP A 344 -21.93 19.88 -27.56
C ASP A 344 -20.44 19.64 -27.33
N GLN A 345 -19.83 20.41 -26.43
CA GLN A 345 -18.41 20.21 -26.13
C GLN A 345 -18.27 18.95 -25.26
N MET A 346 -19.19 18.77 -24.31
CA MET A 346 -19.15 17.58 -23.47
C MET A 346 -19.37 16.37 -24.39
N LEU A 347 -20.24 16.55 -25.39
CA LEU A 347 -20.53 15.48 -26.34
C LEU A 347 -19.29 15.07 -27.11
N GLU A 348 -18.54 16.05 -27.59
CA GLU A 348 -17.32 15.78 -28.36
C GLU A 348 -16.35 14.99 -27.49
N PHE A 349 -16.26 15.37 -26.22
CA PHE A 349 -15.39 14.70 -25.27
C PHE A 349 -15.76 13.23 -25.19
N PHE A 350 -17.05 12.96 -25.03
CA PHE A 350 -17.53 11.58 -24.94
C PHE A 350 -17.38 10.82 -26.24
N LEU A 351 -17.49 11.50 -27.37
CA LEU A 351 -17.32 10.84 -28.66
C LEU A 351 -15.94 10.20 -28.70
N ASN A 352 -14.93 10.98 -28.32
CA ASN A 352 -13.56 10.51 -28.29
C ASN A 352 -13.35 9.42 -27.25
N TYR A 353 -13.86 9.66 -26.05
CA TYR A 353 -13.75 8.72 -24.95
C TYR A 353 -14.35 7.37 -25.34
N LEU A 354 -15.59 7.37 -25.81
CA LEU A 354 -16.25 6.13 -26.21
C LEU A 354 -15.53 5.43 -27.38
N ARG A 355 -15.00 6.21 -28.31
CA ARG A 355 -14.31 5.63 -29.45
C ARG A 355 -13.02 4.95 -29.00
N GLU A 356 -12.34 5.58 -28.04
CA GLU A 356 -11.08 5.06 -27.52
C GLU A 356 -11.30 3.74 -26.78
N GLN A 357 -12.42 3.62 -26.07
CA GLN A 357 -12.69 2.38 -25.32
C GLN A 357 -12.96 1.18 -26.22
N GLY A 358 -13.32 1.44 -27.47
CA GLY A 358 -13.56 0.36 -28.42
C GLY A 358 -14.74 -0.57 -28.22
N ASN A 359 -15.71 -0.20 -27.39
CA ASN A 359 -16.87 -1.05 -27.17
C ASN A 359 -18.12 -0.46 -27.81
N THR A 360 -17.94 0.54 -28.66
CA THR A 360 -19.08 1.19 -29.29
C THR A 360 -18.99 1.29 -30.81
N ARG A 361 -20.05 0.87 -31.48
CA ARG A 361 -20.11 0.92 -32.94
C ARG A 361 -20.15 2.39 -33.36
N GLU A 362 -19.41 2.71 -34.43
CA GLU A 362 -19.33 4.08 -34.93
C GLU A 362 -20.68 4.77 -35.11
N ASN A 363 -21.69 4.01 -35.51
CA ASN A 363 -23.03 4.56 -35.72
C ASN A 363 -23.81 4.75 -34.43
N GLU A 364 -23.18 4.47 -33.29
CA GLU A 364 -23.87 4.62 -32.01
C GLU A 364 -23.14 5.58 -31.09
N LEU A 365 -22.01 6.11 -31.56
CA LEU A 365 -21.21 7.04 -30.75
C LEU A 365 -21.99 8.27 -30.30
N TYR A 366 -22.53 9.02 -31.26
CA TYR A 366 -23.28 10.23 -30.93
C TYR A 366 -24.36 10.00 -29.87
N LYS A 367 -25.19 8.98 -30.09
CA LYS A 367 -26.28 8.67 -29.15
C LYS A 367 -25.77 8.24 -27.78
N LYS A 368 -24.73 7.40 -27.73
CA LYS A 368 -24.20 6.97 -26.46
C LYS A 368 -23.61 8.19 -25.77
N SER A 369 -23.01 9.08 -26.55
CA SER A 369 -22.41 10.30 -25.99
C SER A 369 -23.49 11.14 -25.30
N GLU A 370 -24.67 11.19 -25.92
CA GLU A 370 -25.76 11.98 -25.35
C GLU A 370 -26.14 11.43 -23.99
N ASP A 371 -26.19 10.11 -23.89
CA ASP A 371 -26.54 9.45 -22.64
C ASP A 371 -25.47 9.77 -21.59
N LEU A 372 -24.21 9.90 -22.03
CA LEU A 372 -23.13 10.20 -21.11
C LEU A 372 -23.28 11.59 -20.50
N VAL A 373 -23.77 12.55 -21.28
CA VAL A 373 -23.99 13.90 -20.76
C VAL A 373 -25.02 13.86 -19.63
N GLN A 374 -26.13 13.19 -19.85
CA GLN A 374 -27.18 13.10 -18.83
C GLN A 374 -26.69 12.34 -17.60
N GLU A 375 -25.85 11.34 -17.84
CA GLU A 375 -25.29 10.55 -16.76
C GLU A 375 -24.35 11.41 -15.91
N THR A 376 -23.67 12.35 -16.56
CA THR A 376 -22.69 13.22 -15.91
C THR A 376 -23.23 14.40 -15.11
N LEU A 377 -24.27 15.06 -15.60
CA LEU A 377 -24.84 16.23 -14.92
C LEU A 377 -25.10 16.08 -13.43
N PRO A 378 -25.70 14.97 -13.00
CA PRO A 378 -25.98 14.81 -11.56
C PRO A 378 -24.74 14.89 -10.67
N PHE A 379 -23.57 14.63 -11.23
CA PHE A 379 -22.34 14.65 -10.44
C PHE A 379 -21.67 16.00 -10.34
N VAL A 380 -22.21 16.99 -11.04
CA VAL A 380 -21.67 18.34 -10.98
C VAL A 380 -21.74 18.80 -9.53
N PRO A 381 -22.93 18.75 -8.91
CA PRO A 381 -22.98 19.18 -7.51
C PRO A 381 -22.19 18.26 -6.58
N VAL A 382 -22.03 16.99 -6.99
CA VAL A 382 -21.29 16.03 -6.17
C VAL A 382 -19.84 16.47 -6.05
N SER A 383 -19.24 16.87 -7.18
CA SER A 383 -17.86 17.35 -7.21
C SER A 383 -17.73 18.60 -6.35
N HIS A 384 -18.68 19.52 -6.51
CA HIS A 384 -18.68 20.76 -5.73
C HIS A 384 -18.74 20.50 -4.23
N PHE A 385 -19.59 19.58 -3.81
CA PHE A 385 -19.68 19.29 -2.39
C PHE A 385 -18.37 18.68 -1.88
N PHE A 386 -17.88 17.69 -2.61
CA PHE A 386 -16.65 16.98 -2.27
C PHE A 386 -15.48 17.92 -2.00
N TRP A 387 -15.13 18.73 -3.00
CA TRP A 387 -14.03 19.67 -2.83
C TRP A 387 -14.36 20.82 -1.89
N GLY A 388 -15.65 21.11 -1.72
CA GLY A 388 -16.03 22.16 -0.80
C GLY A 388 -15.66 21.77 0.61
N VAL A 389 -16.07 20.56 1.00
CA VAL A 389 -15.75 20.06 2.34
C VAL A 389 -14.23 19.90 2.45
N TRP A 390 -13.60 19.41 1.38
CA TRP A 390 -12.16 19.22 1.38
C TRP A 390 -11.49 20.57 1.62
N GLY A 391 -11.96 21.59 0.91
CA GLY A 391 -11.41 22.93 1.05
C GLY A 391 -11.47 23.46 2.48
N LEU A 392 -12.62 23.30 3.13
CA LEU A 392 -12.78 23.78 4.50
C LEU A 392 -11.83 23.06 5.47
N LEU A 393 -11.61 21.76 5.26
CA LEU A 393 -10.71 21.03 6.15
C LEU A 393 -9.26 21.42 5.95
N GLN A 394 -8.88 21.70 4.70
CA GLN A 394 -7.51 22.09 4.39
C GLN A 394 -7.12 23.40 5.07
N VAL A 395 -8.13 24.21 5.40
CA VAL A 395 -7.85 25.48 6.08
C VAL A 395 -7.02 25.23 7.32
N GLU A 396 -7.33 24.16 8.05
CA GLU A 396 -6.62 23.83 9.28
C GLU A 396 -5.46 22.84 9.16
N LEU A 397 -5.36 22.17 8.01
CA LEU A 397 -4.31 21.17 7.83
C LEU A 397 -3.18 21.53 6.85
N SER A 398 -3.49 22.37 5.87
CA SER A 398 -2.51 22.72 4.85
C SER A 398 -1.70 24.00 5.02
N PRO A 399 -0.40 23.94 4.73
CA PRO A 399 0.51 25.09 4.83
C PRO A 399 0.59 25.76 3.46
N VAL A 400 -0.05 25.13 2.46
CA VAL A 400 -0.05 25.64 1.09
C VAL A 400 -0.66 27.04 0.99
N GLY A 401 -0.03 27.90 0.18
CA GLY A 401 -0.51 29.25 0.01
C GLY A 401 -1.71 29.33 -0.92
N PHE A 402 -2.88 29.00 -0.40
CA PHE A 402 -4.12 29.00 -1.16
C PHE A 402 -5.25 29.40 -0.23
N GLY A 403 -6.22 30.16 -0.74
CA GLY A 403 -7.34 30.59 0.09
C GLY A 403 -8.38 29.49 0.20
N PHE A 404 -8.08 28.46 1.00
CA PHE A 404 -8.99 27.34 1.19
C PHE A 404 -10.35 27.70 1.78
N ALA A 405 -10.37 28.68 2.68
CA ALA A 405 -11.62 29.12 3.30
C ALA A 405 -12.58 29.62 2.22
N ASP A 406 -12.09 30.52 1.36
CA ASP A 406 -12.91 31.05 0.28
C ASP A 406 -13.22 29.94 -0.73
N TYR A 407 -12.26 29.07 -0.98
CA TYR A 407 -12.46 27.99 -1.93
C TYR A 407 -13.56 27.03 -1.48
N GLY A 408 -13.51 26.64 -0.20
CA GLY A 408 -14.51 25.73 0.33
C GLY A 408 -15.90 26.33 0.23
N ARG A 409 -16.02 27.60 0.60
CA ARG A 409 -17.30 28.29 0.54
C ARG A 409 -17.80 28.40 -0.89
N ASP A 410 -16.91 28.75 -1.82
CA ASP A 410 -17.32 28.87 -3.22
C ASP A 410 -17.81 27.55 -3.81
N ARG A 411 -17.06 26.46 -3.63
CA ARG A 411 -17.49 25.17 -4.14
C ARG A 411 -18.83 24.77 -3.48
N LEU A 412 -18.91 24.94 -2.17
CA LEU A 412 -20.15 24.60 -1.46
C LEU A 412 -21.36 25.37 -2.00
N SER A 413 -21.17 26.66 -2.29
CA SER A 413 -22.30 27.43 -2.81
C SER A 413 -22.71 26.88 -4.18
N LEU A 414 -21.74 26.42 -4.95
CA LEU A 414 -22.02 25.84 -6.27
C LEU A 414 -22.77 24.51 -6.09
N TYR A 415 -22.52 23.85 -4.96
CA TYR A 415 -23.20 22.60 -4.67
C TYR A 415 -24.70 22.89 -4.50
N PHE A 416 -25.01 23.86 -3.64
CA PHE A 416 -26.41 24.21 -3.39
C PHE A 416 -27.06 24.77 -4.65
N LYS A 417 -26.26 25.47 -5.44
CA LYS A 417 -26.75 26.06 -6.68
C LYS A 417 -27.18 25.01 -7.71
N HIS A 418 -26.53 23.84 -7.70
CA HIS A 418 -26.86 22.79 -8.66
C HIS A 418 -27.34 21.51 -7.98
N LYS A 419 -27.73 21.61 -6.73
CA LYS A 419 -28.20 20.46 -5.97
C LYS A 419 -29.34 19.72 -6.67
N GLN A 420 -30.21 20.46 -7.35
CA GLN A 420 -31.35 19.84 -8.04
C GLN A 420 -30.92 18.78 -9.04
N LEU A 421 -29.78 18.99 -9.69
CA LEU A 421 -29.29 18.03 -10.68
C LEU A 421 -29.09 16.65 -10.07
N LEU A 422 -28.75 16.63 -8.78
CA LEU A 422 -28.51 15.38 -8.07
C LEU A 422 -29.83 14.81 -7.59
N LYS A 423 -30.69 15.67 -7.06
CA LYS A 423 -31.98 15.26 -6.56
C LYS A 423 -32.78 14.58 -7.67
N ASN A 424 -32.58 15.03 -8.91
CA ASN A 424 -33.27 14.47 -10.06
C ASN A 424 -33.14 12.96 -10.22
N LEU A 425 -32.02 12.40 -9.76
CA LEU A 425 -31.81 10.96 -9.88
C LEU A 425 -32.96 10.20 -9.22
N ALA A 426 -33.70 10.89 -8.35
CA ALA A 426 -34.84 10.29 -7.66
C ALA A 426 -36.07 10.35 -8.55
N MET B 40 -14.45 -22.80 15.47
CA MET B 40 -14.08 -23.80 14.44
C MET B 40 -12.97 -24.74 14.92
N ASP B 41 -12.48 -25.56 14.01
CA ASP B 41 -11.41 -26.50 14.31
C ASP B 41 -10.84 -27.08 13.01
N LEU B 42 -9.80 -27.90 13.14
CA LEU B 42 -9.12 -28.49 11.99
C LEU B 42 -10.01 -29.15 10.93
N ASP B 43 -11.17 -29.65 11.32
CA ASP B 43 -12.06 -30.33 10.37
C ASP B 43 -13.43 -29.69 10.16
N THR B 44 -13.66 -28.53 10.75
CA THR B 44 -14.96 -27.87 10.61
C THR B 44 -15.24 -27.46 9.17
N ASP B 45 -16.42 -27.81 8.68
CA ASP B 45 -16.84 -27.47 7.33
C ASP B 45 -17.16 -25.97 7.29
N ALA B 46 -16.26 -25.20 6.68
CA ALA B 46 -16.43 -23.75 6.59
C ALA B 46 -17.80 -23.32 6.05
N ASN B 47 -18.31 -24.05 5.06
CA ASN B 47 -19.61 -23.75 4.45
C ASN B 47 -20.76 -23.74 5.46
N THR B 48 -20.60 -24.48 6.56
CA THR B 48 -21.65 -24.57 7.56
C THR B 48 -21.65 -23.42 8.56
N ILE B 49 -20.72 -22.50 8.40
CA ILE B 49 -20.65 -21.34 9.29
C ILE B 49 -21.19 -20.15 8.52
N PRO B 50 -22.48 -19.84 8.71
CA PRO B 50 -23.14 -18.71 8.03
C PRO B 50 -22.44 -17.37 8.12
N GLU B 51 -22.11 -16.93 9.33
CA GLU B 51 -21.44 -15.65 9.51
C GLU B 51 -20.13 -15.57 8.73
N LEU B 52 -19.40 -16.68 8.70
CA LEU B 52 -18.13 -16.71 7.97
C LEU B 52 -18.43 -16.64 6.48
N LYS B 53 -19.43 -17.39 6.04
CA LYS B 53 -19.80 -17.41 4.64
C LYS B 53 -20.21 -16.02 4.15
N GLU B 54 -20.91 -15.26 5.00
CA GLU B 54 -21.35 -13.92 4.62
C GLU B 54 -20.20 -12.92 4.48
N ARG B 55 -19.23 -13.00 5.40
CA ARG B 55 -18.08 -12.12 5.37
C ARG B 55 -17.25 -12.39 4.12
N ALA B 56 -17.10 -13.66 3.80
CA ALA B 56 -16.36 -14.07 2.61
C ALA B 56 -17.12 -13.62 1.37
N HIS B 57 -18.44 -13.79 1.40
CA HIS B 57 -19.27 -13.38 0.27
C HIS B 57 -19.12 -11.88 0.02
N MET B 58 -19.11 -11.10 1.10
CA MET B 58 -18.97 -9.65 1.02
C MET B 58 -17.59 -9.26 0.46
N LEU B 59 -16.53 -9.83 1.02
CA LEU B 59 -15.18 -9.52 0.56
C LEU B 59 -14.98 -9.83 -0.92
N CYS B 60 -15.44 -11.01 -1.35
CA CYS B 60 -15.31 -11.42 -2.74
C CYS B 60 -16.11 -10.51 -3.68
N ALA B 61 -17.33 -10.17 -3.26
CA ALA B 61 -18.18 -9.31 -4.06
C ALA B 61 -17.55 -7.93 -4.25
N ARG B 62 -17.06 -7.36 -3.16
CA ARG B 62 -16.45 -6.04 -3.16
C ARG B 62 -15.12 -5.92 -3.89
N PHE B 63 -14.31 -6.96 -3.82
CA PHE B 63 -13.00 -6.93 -4.48
C PHE B 63 -12.98 -7.55 -5.86
N LEU B 64 -13.92 -8.45 -6.13
CA LEU B 64 -13.99 -9.13 -7.42
C LEU B 64 -15.12 -8.69 -8.35
N GLY B 65 -16.25 -8.30 -7.79
CA GLY B 65 -17.38 -7.89 -8.62
C GLY B 65 -17.87 -9.01 -9.51
N GLY B 66 -18.60 -8.65 -10.57
CA GLY B 66 -19.13 -9.64 -11.49
C GLY B 66 -20.06 -10.63 -10.79
N ALA B 67 -19.91 -11.91 -11.13
CA ALA B 67 -20.75 -12.96 -10.54
C ALA B 67 -20.69 -13.05 -9.02
N TRP B 68 -19.57 -12.62 -8.43
CA TRP B 68 -19.43 -12.68 -6.98
C TRP B 68 -20.39 -11.76 -6.26
N LYS B 69 -20.85 -10.74 -6.98
CA LYS B 69 -21.76 -9.77 -6.39
C LYS B 69 -23.19 -10.28 -6.20
N THR B 70 -23.68 -11.06 -7.16
CA THR B 70 -25.05 -11.56 -7.07
C THR B 70 -25.23 -13.05 -6.80
N VAL B 71 -24.14 -13.79 -6.72
CA VAL B 71 -24.23 -15.23 -6.47
C VAL B 71 -24.90 -15.50 -5.14
N PRO B 72 -25.93 -16.37 -5.14
CA PRO B 72 -26.64 -16.70 -3.89
C PRO B 72 -25.65 -17.37 -2.94
N LEU B 73 -25.87 -17.20 -1.64
CA LEU B 73 -25.00 -17.80 -0.64
C LEU B 73 -24.78 -19.29 -0.84
N GLU B 74 -25.84 -20.02 -1.17
CA GLU B 74 -25.73 -21.46 -1.36
C GLU B 74 -24.88 -21.84 -2.57
N HIS B 75 -24.70 -20.91 -3.50
CA HIS B 75 -23.89 -21.20 -4.68
C HIS B 75 -22.45 -20.74 -4.51
N LEU B 76 -22.13 -20.23 -3.32
CA LEU B 76 -20.79 -19.80 -2.99
C LEU B 76 -20.20 -20.89 -2.10
N ARG B 77 -19.18 -21.59 -2.57
CA ARG B 77 -18.56 -22.65 -1.79
C ARG B 77 -17.29 -22.17 -1.08
N ILE B 78 -17.19 -22.47 0.21
CA ILE B 78 -16.02 -22.08 0.99
C ILE B 78 -15.40 -23.32 1.62
N SER B 79 -14.08 -23.46 1.45
CA SER B 79 -13.37 -24.60 2.01
C SER B 79 -12.14 -24.13 2.77
N ARG B 80 -11.93 -24.66 3.96
CA ARG B 80 -10.75 -24.33 4.74
C ARG B 80 -9.56 -25.01 4.07
N ILE B 81 -8.46 -24.28 3.90
CA ILE B 81 -7.26 -24.84 3.29
C ILE B 81 -6.16 -24.87 4.34
N LYS B 82 -5.33 -25.91 4.28
CA LYS B 82 -4.23 -26.06 5.23
C LYS B 82 -3.14 -25.05 4.92
N GLY B 83 -2.53 -24.51 5.98
CA GLY B 83 -1.46 -23.54 5.80
C GLY B 83 -0.69 -23.26 7.08
N GLY B 84 0.28 -22.34 6.98
CA GLY B 84 1.10 -21.98 8.13
C GLY B 84 0.34 -21.40 9.32
N MET B 85 0.97 -21.37 10.49
CA MET B 85 0.30 -20.88 11.70
C MET B 85 0.02 -19.38 11.74
N SER B 86 0.56 -18.64 10.78
CA SER B 86 0.34 -17.19 10.72
C SER B 86 -1.03 -16.81 10.17
N ASN B 87 -1.65 -17.73 9.44
CA ASN B 87 -2.94 -17.41 8.85
C ASN B 87 -3.92 -18.56 8.69
N MET B 88 -5.18 -18.20 8.45
CA MET B 88 -6.26 -19.15 8.19
C MET B 88 -6.58 -18.92 6.72
N LEU B 89 -6.62 -19.99 5.94
CA LEU B 89 -6.89 -19.87 4.52
C LEU B 89 -8.23 -20.47 4.09
N PHE B 90 -8.97 -19.74 3.28
CA PHE B 90 -10.26 -20.20 2.79
C PHE B 90 -10.36 -20.07 1.29
N LEU B 91 -10.62 -21.19 0.63
CA LEU B 91 -10.78 -21.20 -0.81
C LEU B 91 -12.25 -20.91 -1.09
N CYS B 92 -12.50 -19.82 -1.79
CA CYS B 92 -13.86 -19.42 -2.13
C CYS B 92 -14.09 -19.75 -3.61
N ARG B 93 -15.26 -20.28 -3.94
CA ARG B 93 -15.53 -20.61 -5.34
C ARG B 93 -17.01 -20.51 -5.74
N LEU B 94 -17.23 -20.12 -6.99
CA LEU B 94 -18.58 -20.00 -7.53
C LEU B 94 -19.00 -21.36 -8.07
N SER B 95 -20.24 -21.77 -7.80
CA SER B 95 -20.73 -23.04 -8.30
C SER B 95 -20.80 -22.92 -9.82
N GLU B 96 -20.90 -24.05 -10.51
CA GLU B 96 -20.97 -24.03 -11.96
C GLU B 96 -22.23 -23.30 -12.45
N VAL B 97 -23.18 -23.09 -11.55
CA VAL B 97 -24.43 -22.41 -11.89
C VAL B 97 -24.27 -20.90 -12.05
N TYR B 98 -23.25 -20.33 -11.41
CA TYR B 98 -23.01 -18.90 -11.51
C TYR B 98 -21.56 -18.61 -11.92
N PRO B 99 -21.18 -18.98 -13.15
CA PRO B 99 -19.82 -18.76 -13.65
C PRO B 99 -19.50 -17.28 -13.80
N PRO B 100 -18.20 -16.94 -13.91
CA PRO B 100 -17.80 -15.55 -14.05
C PRO B 100 -18.50 -14.93 -15.26
N ILE B 101 -18.90 -13.67 -15.15
CA ILE B 101 -19.58 -13.01 -16.26
C ILE B 101 -18.62 -12.13 -17.06
N ARG B 102 -17.38 -12.01 -16.59
CA ARG B 102 -16.39 -11.20 -17.26
C ARG B 102 -14.98 -11.76 -17.09
N ASN B 103 -14.09 -10.97 -16.50
CA ASN B 103 -12.72 -11.40 -16.28
C ASN B 103 -12.44 -11.83 -14.85
N GLU B 104 -13.47 -11.86 -14.01
CA GLU B 104 -13.28 -12.26 -12.62
C GLU B 104 -13.06 -13.77 -12.56
N PRO B 105 -12.23 -14.24 -11.61
CA PRO B 105 -11.94 -15.67 -11.45
C PRO B 105 -13.12 -16.42 -10.84
N ASN B 106 -13.16 -17.74 -11.04
CA ASN B 106 -14.24 -18.56 -10.52
C ASN B 106 -13.93 -19.04 -9.11
N LYS B 107 -12.69 -18.82 -8.67
CA LYS B 107 -12.28 -19.22 -7.32
C LYS B 107 -11.15 -18.29 -6.86
N VAL B 108 -11.10 -18.03 -5.57
CA VAL B 108 -10.07 -17.15 -5.04
C VAL B 108 -9.69 -17.61 -3.64
N LEU B 109 -8.47 -17.26 -3.23
CA LEU B 109 -8.00 -17.63 -1.91
C LEU B 109 -8.07 -16.43 -0.98
N LEU B 110 -8.78 -16.62 0.13
CA LEU B 110 -8.93 -15.59 1.15
C LEU B 110 -7.94 -15.94 2.26
N ARG B 111 -6.99 -15.05 2.52
CA ARG B 111 -6.00 -15.27 3.57
C ARG B 111 -6.29 -14.30 4.72
N VAL B 112 -6.39 -14.83 5.93
CA VAL B 112 -6.66 -14.00 7.10
C VAL B 112 -5.49 -14.07 8.08
N TYR B 113 -4.99 -12.91 8.51
CA TYR B 113 -3.87 -12.86 9.44
C TYR B 113 -4.28 -12.24 10.77
N PHE B 114 -3.45 -12.42 11.78
CA PHE B 114 -3.76 -11.90 13.10
C PHE B 114 -2.65 -11.06 13.71
N ASN B 115 -1.79 -10.53 12.85
CA ASN B 115 -0.69 -9.68 13.30
C ASN B 115 -1.22 -8.25 13.39
N PRO B 116 -0.88 -7.52 14.45
CA PRO B 116 -1.38 -6.15 14.54
C PRO B 116 -0.80 -5.29 13.40
N GLU B 117 -1.67 -4.56 12.71
CA GLU B 117 -1.23 -3.73 11.58
C GLU B 117 -0.77 -2.34 11.95
N THR B 118 0.24 -1.86 11.24
CA THR B 118 0.78 -0.53 11.45
C THR B 118 0.77 0.20 10.10
N GLU B 119 0.97 1.51 10.14
CA GLU B 119 0.99 2.32 8.93
C GLU B 119 2.00 1.76 7.93
N SER B 120 3.26 1.74 8.35
CA SER B 120 4.35 1.26 7.52
C SER B 120 4.11 -0.14 6.96
N HIS B 121 3.52 -1.00 7.76
CA HIS B 121 3.25 -2.37 7.33
C HIS B 121 2.22 -2.40 6.22
N LEU B 122 1.14 -1.64 6.39
CA LEU B 122 0.10 -1.59 5.38
C LEU B 122 0.68 -1.12 4.05
N VAL B 123 1.47 -0.05 4.08
CA VAL B 123 2.06 0.47 2.86
C VAL B 123 3.03 -0.53 2.21
N ALA B 124 3.99 -1.01 2.98
CA ALA B 124 4.98 -1.95 2.48
C ALA B 124 4.37 -3.22 1.87
N GLU B 125 3.43 -3.82 2.59
CA GLU B 125 2.78 -5.05 2.13
C GLU B 125 2.05 -4.82 0.81
N SER B 126 1.35 -3.69 0.71
CA SER B 126 0.62 -3.37 -0.49
C SER B 126 1.58 -3.21 -1.66
N VAL B 127 2.69 -2.50 -1.43
CA VAL B 127 3.68 -2.31 -2.49
C VAL B 127 4.23 -3.65 -2.92
N ILE B 128 4.64 -4.44 -1.94
CA ILE B 128 5.21 -5.77 -2.22
C ILE B 128 4.25 -6.68 -2.96
N PHE B 129 3.06 -6.86 -2.41
CA PHE B 129 2.09 -7.75 -3.07
C PHE B 129 1.76 -7.31 -4.48
N THR B 130 1.59 -6.01 -4.70
CA THR B 130 1.27 -5.52 -6.03
C THR B 130 2.43 -5.75 -6.99
N LEU B 131 3.65 -5.46 -6.53
CA LEU B 131 4.82 -5.66 -7.38
C LEU B 131 4.99 -7.13 -7.79
N LEU B 132 4.90 -8.04 -6.81
CA LEU B 132 5.06 -9.47 -7.12
C LEU B 132 3.96 -9.89 -8.11
N SER B 133 2.74 -9.40 -7.88
CA SER B 133 1.63 -9.71 -8.77
C SER B 133 1.91 -9.19 -10.18
N GLU B 134 2.22 -7.90 -10.27
CA GLU B 134 2.50 -7.29 -11.57
C GLU B 134 3.65 -7.92 -12.34
N ARG B 135 4.69 -8.36 -11.65
CA ARG B 135 5.83 -8.96 -12.34
C ARG B 135 5.67 -10.47 -12.51
N HIS B 136 4.50 -10.98 -12.13
CA HIS B 136 4.23 -12.42 -12.24
C HIS B 136 5.24 -13.24 -11.44
N LEU B 137 5.57 -12.78 -10.25
CA LEU B 137 6.50 -13.46 -9.37
C LEU B 137 5.74 -14.14 -8.23
N GLY B 138 4.42 -14.07 -8.30
CA GLY B 138 3.58 -14.66 -7.28
C GLY B 138 2.14 -14.69 -7.74
N PRO B 139 1.22 -15.25 -6.95
CA PRO B 139 -0.18 -15.28 -7.38
C PRO B 139 -0.73 -13.88 -7.61
N LYS B 140 -1.66 -13.77 -8.56
CA LYS B 140 -2.26 -12.49 -8.85
C LYS B 140 -2.94 -11.94 -7.60
N LEU B 141 -2.75 -10.65 -7.34
CA LEU B 141 -3.37 -10.01 -6.19
C LEU B 141 -4.76 -9.55 -6.61
N TYR B 142 -5.73 -9.75 -5.73
CA TYR B 142 -7.10 -9.33 -6.03
C TYR B 142 -7.56 -8.25 -5.07
N GLY B 143 -7.01 -8.24 -3.87
CA GLY B 143 -7.42 -7.23 -2.91
C GLY B 143 -6.76 -7.34 -1.54
N ILE B 144 -6.56 -6.19 -0.90
CA ILE B 144 -5.96 -6.14 0.42
C ILE B 144 -6.90 -5.41 1.35
N PHE B 145 -7.13 -5.98 2.52
CA PHE B 145 -8.02 -5.35 3.50
C PHE B 145 -7.39 -5.47 4.86
N SER B 146 -8.03 -4.87 5.86
CA SER B 146 -7.50 -4.92 7.22
C SER B 146 -7.47 -6.35 7.73
N GLY B 147 -6.26 -6.88 7.93
CA GLY B 147 -6.12 -8.23 8.45
C GLY B 147 -6.22 -9.37 7.44
N GLY B 148 -6.00 -9.07 6.15
CA GLY B 148 -6.07 -10.14 5.18
C GLY B 148 -6.03 -9.69 3.73
N ARG B 149 -6.07 -10.67 2.83
CA ARG B 149 -6.05 -10.37 1.41
C ARG B 149 -6.66 -11.49 0.60
N LEU B 150 -6.96 -11.19 -0.65
CA LEU B 150 -7.53 -12.16 -1.57
C LEU B 150 -6.54 -12.27 -2.72
N GLU B 151 -6.15 -13.50 -3.04
CA GLU B 151 -5.21 -13.70 -4.14
C GLU B 151 -5.57 -14.94 -4.94
N GLU B 152 -4.88 -15.10 -6.06
CA GLU B 152 -5.10 -16.24 -6.93
C GLU B 152 -4.75 -17.54 -6.18
N TYR B 153 -5.58 -18.55 -6.37
CA TYR B 153 -5.35 -19.84 -5.74
C TYR B 153 -4.48 -20.65 -6.70
N ILE B 154 -3.36 -21.15 -6.21
CA ILE B 154 -2.47 -21.94 -7.06
C ILE B 154 -2.43 -23.40 -6.65
N PRO B 155 -2.90 -24.30 -7.53
CA PRO B 155 -2.88 -25.73 -7.21
C PRO B 155 -1.43 -26.12 -6.98
N SER B 156 -1.15 -26.72 -5.84
CA SER B 156 0.22 -27.09 -5.51
C SER B 156 0.27 -27.80 -4.17
N ARG B 157 1.48 -28.07 -3.71
CA ARG B 157 1.69 -28.68 -2.41
C ARG B 157 2.95 -28.05 -1.85
N PRO B 158 2.97 -27.80 -0.54
CA PRO B 158 4.15 -27.20 0.06
C PRO B 158 5.17 -28.29 0.34
N LEU B 159 6.41 -27.88 0.64
CA LEU B 159 7.43 -28.87 0.96
C LEU B 159 7.26 -29.24 2.41
N SER B 160 7.72 -30.43 2.79
CA SER B 160 7.64 -30.87 4.18
C SER B 160 8.89 -30.37 4.86
N CYS B 161 8.93 -30.43 6.18
CA CYS B 161 10.11 -29.99 6.91
C CYS B 161 11.33 -30.79 6.43
N HIS B 162 11.15 -32.09 6.26
CA HIS B 162 12.24 -32.95 5.83
C HIS B 162 12.72 -32.64 4.41
N GLU B 163 11.79 -32.33 3.50
CA GLU B 163 12.16 -32.05 2.13
C GLU B 163 13.10 -30.86 1.93
N ILE B 164 13.01 -29.85 2.78
CA ILE B 164 13.90 -28.70 2.59
C ILE B 164 15.34 -29.03 2.98
N SER B 165 15.56 -30.20 3.57
CA SER B 165 16.90 -30.62 3.95
C SER B 165 17.50 -31.49 2.83
N LEU B 166 16.67 -31.88 1.87
CA LEU B 166 17.14 -32.69 0.77
C LEU B 166 17.99 -31.84 -0.16
N ALA B 167 19.18 -32.35 -0.54
CA ALA B 167 20.10 -31.63 -1.40
C ALA B 167 19.47 -31.01 -2.65
N HIS B 168 18.71 -31.80 -3.42
CA HIS B 168 18.10 -31.29 -4.63
C HIS B 168 17.07 -30.18 -4.41
N MET B 169 16.36 -30.22 -3.28
CA MET B 169 15.37 -29.20 -2.97
C MET B 169 16.05 -27.96 -2.41
N SER B 170 17.01 -28.16 -1.52
CA SER B 170 17.74 -27.06 -0.91
C SER B 170 18.44 -26.24 -1.99
N THR B 171 18.97 -26.93 -2.98
CA THR B 171 19.65 -26.27 -4.09
C THR B 171 18.68 -25.33 -4.81
N LYS B 172 17.46 -25.82 -5.04
CA LYS B 172 16.46 -25.02 -5.73
C LYS B 172 16.03 -23.83 -4.88
N ILE B 173 15.90 -24.06 -3.58
CA ILE B 173 15.51 -22.99 -2.66
C ILE B 173 16.55 -21.88 -2.68
N ALA B 174 17.82 -22.28 -2.60
CA ALA B 174 18.93 -21.34 -2.61
C ALA B 174 18.83 -20.41 -3.82
N LYS B 175 18.58 -20.98 -4.99
CA LYS B 175 18.46 -20.20 -6.21
C LYS B 175 17.25 -19.27 -6.20
N ARG B 176 16.14 -19.73 -5.60
CA ARG B 176 14.95 -18.90 -5.51
C ARG B 176 15.23 -17.72 -4.59
N VAL B 177 15.91 -17.99 -3.47
CA VAL B 177 16.25 -16.96 -2.51
C VAL B 177 17.20 -15.94 -3.13
N ALA B 178 18.12 -16.41 -3.96
CA ALA B 178 19.08 -15.52 -4.61
C ALA B 178 18.32 -14.46 -5.43
N LYS B 179 17.25 -14.89 -6.08
CA LYS B 179 16.43 -14.02 -6.91
C LYS B 179 15.64 -13.02 -6.09
N VAL B 180 15.07 -13.47 -4.97
CA VAL B 180 14.31 -12.58 -4.09
C VAL B 180 15.23 -11.47 -3.62
N HIS B 181 16.44 -11.85 -3.22
CA HIS B 181 17.42 -10.89 -2.72
C HIS B 181 17.95 -9.91 -3.77
N GLN B 182 17.59 -10.11 -5.03
CA GLN B 182 18.02 -9.20 -6.11
C GLN B 182 16.92 -8.21 -6.50
N LEU B 183 15.73 -8.39 -5.93
CA LEU B 183 14.60 -7.52 -6.24
C LEU B 183 14.77 -6.11 -5.69
N GLU B 184 14.43 -5.12 -6.51
CA GLU B 184 14.47 -3.72 -6.10
C GLU B 184 13.01 -3.36 -5.83
N VAL B 185 12.68 -3.13 -4.56
CA VAL B 185 11.31 -2.80 -4.18
C VAL B 185 11.27 -1.39 -3.60
N PRO B 186 10.31 -0.57 -4.06
CA PRO B 186 10.22 0.80 -3.55
C PRO B 186 9.67 0.97 -2.15
N ILE B 187 10.44 0.49 -1.17
CA ILE B 187 10.10 0.60 0.24
C ILE B 187 11.36 0.97 1.02
N TRP B 188 11.20 1.21 2.32
CA TRP B 188 12.31 1.58 3.21
C TRP B 188 13.47 0.60 2.99
N LYS B 189 14.65 1.13 2.69
CA LYS B 189 15.83 0.31 2.41
C LYS B 189 16.72 -0.08 3.59
N GLU B 190 16.56 0.55 4.73
CA GLU B 190 17.36 0.20 5.89
C GLU B 190 16.69 -0.95 6.65
N PRO B 191 17.49 -1.88 7.21
CA PRO B 191 17.02 -3.05 7.94
C PRO B 191 16.43 -2.77 9.33
N ASP B 192 15.43 -1.88 9.38
CA ASP B 192 14.79 -1.54 10.65
C ASP B 192 13.58 -2.41 10.96
N TYR B 193 13.14 -3.19 9.98
CA TYR B 193 11.97 -4.06 10.16
C TYR B 193 11.96 -4.94 11.41
N LEU B 194 12.97 -5.79 11.55
CA LEU B 194 13.05 -6.70 12.69
C LEU B 194 12.78 -5.97 14.00
N CYS B 195 13.60 -4.98 14.32
CA CYS B 195 13.43 -4.26 15.57
C CYS B 195 12.12 -3.48 15.66
N GLU B 196 11.69 -2.89 14.56
CA GLU B 196 10.46 -2.12 14.55
C GLU B 196 9.26 -3.02 14.88
N ALA B 197 9.22 -4.17 14.21
CA ALA B 197 8.14 -5.14 14.42
C ALA B 197 8.13 -5.64 15.86
N LEU B 198 9.28 -6.14 16.31
CA LEU B 198 9.40 -6.65 17.66
C LEU B 198 9.00 -5.62 18.71
N GLN B 199 9.46 -4.39 18.53
CA GLN B 199 9.15 -3.34 19.46
C GLN B 199 7.65 -3.13 19.62
N ARG B 200 6.93 -3.13 18.51
CA ARG B 200 5.47 -2.95 18.59
C ARG B 200 4.80 -4.20 19.15
N TRP B 201 5.31 -5.38 18.78
CA TRP B 201 4.72 -6.62 19.29
C TRP B 201 4.92 -6.74 20.78
N LEU B 202 6.12 -6.42 21.25
CA LEU B 202 6.44 -6.48 22.67
C LEU B 202 5.57 -5.46 23.40
N LYS B 203 5.45 -4.27 22.82
CA LYS B 203 4.66 -3.21 23.42
C LYS B 203 3.23 -3.70 23.62
N GLN B 204 2.64 -4.27 22.58
CA GLN B 204 1.28 -4.79 22.66
C GLN B 204 1.20 -5.95 23.65
N LEU B 205 2.21 -6.81 23.66
CA LEU B 205 2.23 -7.94 24.58
C LEU B 205 2.21 -7.39 26.00
N THR B 206 3.10 -6.44 26.27
CA THR B 206 3.19 -5.82 27.59
C THR B 206 1.84 -5.28 28.06
N GLY B 207 0.96 -4.96 27.10
CA GLY B 207 -0.34 -4.43 27.46
C GLY B 207 -1.43 -5.48 27.58
N THR B 208 -1.08 -6.74 27.34
CA THR B 208 -2.05 -7.84 27.42
C THR B 208 -1.85 -8.71 28.65
N VAL B 209 -0.78 -8.44 29.40
CA VAL B 209 -0.51 -9.22 30.60
C VAL B 209 -0.14 -8.29 31.75
N ASP B 210 -0.45 -8.71 32.97
CA ASP B 210 -0.14 -7.91 34.14
C ASP B 210 1.37 -7.79 34.30
N ALA B 211 1.80 -6.69 34.90
CA ALA B 211 3.22 -6.42 35.11
C ALA B 211 3.96 -7.53 35.87
N GLU B 212 3.30 -8.15 36.84
CA GLU B 212 3.91 -9.21 37.62
C GLU B 212 3.98 -10.54 36.86
N HIS B 213 3.42 -10.56 35.66
CA HIS B 213 3.41 -11.77 34.85
C HIS B 213 4.80 -12.16 34.36
N ARG B 214 5.07 -13.45 34.35
CA ARG B 214 6.36 -13.97 33.90
C ARG B 214 6.14 -15.19 33.03
N PHE B 215 6.96 -15.34 31.99
CA PHE B 215 6.85 -16.48 31.10
C PHE B 215 7.94 -17.47 31.48
N ASP B 216 7.53 -18.67 31.87
CA ASP B 216 8.49 -19.70 32.26
C ASP B 216 9.16 -20.32 31.04
N LEU B 217 10.46 -20.58 31.17
CA LEU B 217 11.23 -21.16 30.08
C LEU B 217 11.95 -22.42 30.54
N PRO B 218 12.23 -23.36 29.62
CA PRO B 218 12.94 -24.57 30.05
C PRO B 218 14.35 -24.17 30.52
N GLU B 219 14.60 -24.35 31.81
CA GLU B 219 15.88 -24.01 32.44
C GLU B 219 17.09 -24.37 31.58
N GLU B 220 16.94 -25.40 30.78
CA GLU B 220 18.01 -25.87 29.90
C GLU B 220 18.57 -24.76 29.03
N CYS B 221 17.85 -23.65 28.89
CA CYS B 221 18.32 -22.55 28.07
C CYS B 221 19.21 -21.58 28.84
N GLY B 222 19.20 -21.67 30.16
CA GLY B 222 20.03 -20.79 30.97
C GLY B 222 19.23 -19.80 31.78
N VAL B 223 18.01 -19.53 31.35
CA VAL B 223 17.13 -18.60 32.05
C VAL B 223 15.83 -19.35 32.30
N SER B 224 15.40 -19.42 33.55
CA SER B 224 14.18 -20.16 33.88
C SER B 224 12.87 -19.40 33.64
N SER B 225 12.95 -18.07 33.52
CA SER B 225 11.74 -17.28 33.27
C SER B 225 12.07 -15.84 32.95
N VAL B 226 11.16 -15.18 32.23
CA VAL B 226 11.33 -13.79 31.86
C VAL B 226 10.01 -13.02 31.84
N ASN B 227 10.05 -11.73 32.17
CA ASN B 227 8.86 -10.91 32.12
C ASN B 227 9.04 -9.95 30.94
N CYS B 228 8.03 -9.14 30.67
CA CYS B 228 8.11 -8.22 29.55
C CYS B 228 9.27 -7.23 29.65
N LEU B 229 9.63 -6.85 30.87
CA LEU B 229 10.73 -5.92 31.07
C LEU B 229 12.05 -6.55 30.64
N ASP B 230 12.20 -7.86 30.87
CA ASP B 230 13.41 -8.56 30.47
C ASP B 230 13.45 -8.65 28.95
N LEU B 231 12.30 -8.95 28.35
CA LEU B 231 12.22 -9.05 26.89
C LEU B 231 12.65 -7.72 26.27
N ALA B 232 12.26 -6.62 26.90
CA ALA B 232 12.62 -5.30 26.40
C ALA B 232 14.13 -5.15 26.46
N ARG B 233 14.73 -5.51 27.59
CA ARG B 233 16.18 -5.42 27.73
C ARG B 233 16.87 -6.28 26.68
N GLU B 234 16.36 -7.49 26.45
CA GLU B 234 16.94 -8.38 25.44
C GLU B 234 16.83 -7.76 24.05
N LEU B 235 15.71 -7.10 23.79
CA LEU B 235 15.49 -6.47 22.49
C LEU B 235 16.50 -5.36 22.27
N GLU B 236 16.84 -4.65 23.34
CA GLU B 236 17.81 -3.58 23.24
C GLU B 236 19.19 -4.16 22.93
N PHE B 237 19.47 -5.33 23.51
CA PHE B 237 20.74 -6.01 23.26
C PHE B 237 20.78 -6.46 21.81
N LEU B 238 19.67 -7.03 21.35
CA LEU B 238 19.58 -7.51 19.97
C LEU B 238 19.79 -6.35 19.00
N ARG B 239 19.08 -5.25 19.24
CA ARG B 239 19.17 -4.08 18.39
C ARG B 239 20.60 -3.54 18.30
N ALA B 240 21.24 -3.40 19.45
CA ALA B 240 22.61 -2.88 19.51
C ALA B 240 23.64 -3.77 18.82
N HIS B 241 23.39 -5.07 18.80
CA HIS B 241 24.35 -5.98 18.18
C HIS B 241 24.13 -6.27 16.70
N ILE B 242 22.88 -6.41 16.26
CA ILE B 242 22.67 -6.69 14.85
C ILE B 242 23.10 -5.51 14.00
N SER B 243 23.07 -4.32 14.57
CA SER B 243 23.47 -3.13 13.82
C SER B 243 24.97 -3.14 13.53
N LEU B 244 25.70 -4.02 14.22
CA LEU B 244 27.15 -4.14 14.02
C LEU B 244 27.45 -5.13 12.90
N SER B 245 26.43 -5.86 12.46
CA SER B 245 26.61 -6.83 11.41
C SER B 245 26.95 -6.21 10.06
N LYS B 246 27.82 -6.88 9.32
CA LYS B 246 28.22 -6.39 8.00
C LYS B 246 27.49 -7.18 6.91
N SER B 247 26.46 -7.92 7.30
CA SER B 247 25.71 -8.69 6.32
C SER B 247 25.05 -7.69 5.37
N PRO B 248 25.27 -7.85 4.05
CA PRO B 248 24.66 -6.91 3.10
C PRO B 248 23.14 -6.90 3.26
N VAL B 249 22.55 -5.72 3.10
CA VAL B 249 21.10 -5.56 3.23
C VAL B 249 20.45 -5.77 1.87
N THR B 250 19.40 -6.59 1.83
CA THR B 250 18.70 -6.88 0.60
C THR B 250 17.21 -7.05 0.89
N PHE B 251 16.41 -7.13 -0.16
CA PHE B 251 14.98 -7.37 0.03
C PHE B 251 14.95 -8.81 0.52
N CYS B 252 14.24 -9.07 1.62
CA CYS B 252 14.16 -10.42 2.20
C CYS B 252 12.74 -10.93 2.36
N HIS B 253 12.58 -12.24 2.37
CA HIS B 253 11.26 -12.86 2.56
C HIS B 253 10.91 -12.83 4.05
N ASN B 254 11.90 -13.19 4.86
CA ASN B 254 11.81 -13.22 6.32
C ASN B 254 11.00 -14.35 6.98
N ASP B 255 10.46 -15.27 6.18
CA ASP B 255 9.67 -16.38 6.73
C ASP B 255 9.78 -17.57 5.78
N LEU B 256 11.02 -17.93 5.47
CA LEU B 256 11.24 -19.03 4.55
C LEU B 256 11.04 -20.41 5.14
N GLN B 257 9.87 -20.64 5.73
CA GLN B 257 9.56 -21.96 6.28
C GLN B 257 8.98 -22.78 5.13
N GLU B 258 9.06 -24.10 5.26
CA GLU B 258 8.57 -25.00 4.22
C GLU B 258 7.16 -24.70 3.72
N GLY B 259 6.29 -24.23 4.60
CA GLY B 259 4.92 -23.92 4.21
C GLY B 259 4.79 -22.87 3.11
N ASN B 260 5.83 -22.05 2.96
CA ASN B 260 5.84 -21.00 1.94
C ASN B 260 6.66 -21.35 0.71
N ILE B 261 7.06 -22.61 0.59
CA ILE B 261 7.84 -23.07 -0.56
C ILE B 261 7.00 -24.11 -1.27
N LEU B 262 6.43 -23.74 -2.41
CA LEU B 262 5.53 -24.62 -3.13
C LEU B 262 5.99 -25.21 -4.46
N LEU B 263 5.39 -26.35 -4.79
CA LEU B 263 5.64 -27.05 -6.05
C LEU B 263 4.29 -26.98 -6.75
N PRO B 264 4.18 -26.18 -7.82
CA PRO B 264 2.94 -26.02 -8.58
C PRO B 264 2.54 -27.32 -9.29
N LYS B 265 1.24 -27.51 -9.51
CA LYS B 265 0.74 -28.71 -10.18
C LYS B 265 0.42 -28.44 -11.64
N ARG B 296 10.26 -27.20 -10.42
CA ARG B 296 10.12 -25.75 -10.26
C ARG B 296 9.48 -25.39 -8.93
N LEU B 297 10.25 -24.69 -8.08
CA LEU B 297 9.75 -24.26 -6.77
C LEU B 297 9.39 -22.79 -6.82
N VAL B 298 8.41 -22.42 -6.01
CA VAL B 298 7.96 -21.04 -5.93
C VAL B 298 7.82 -20.65 -4.47
N LEU B 299 8.30 -19.46 -4.13
CA LEU B 299 8.22 -18.94 -2.76
C LEU B 299 7.03 -18.01 -2.75
N ILE B 300 6.17 -18.12 -1.74
CA ILE B 300 5.02 -17.22 -1.67
C ILE B 300 4.81 -16.68 -0.28
N ASP B 301 3.76 -15.87 -0.16
CA ASP B 301 3.38 -15.21 1.09
C ASP B 301 4.49 -14.35 1.69
N PHE B 302 4.69 -13.17 1.10
CA PHE B 302 5.69 -12.24 1.56
C PHE B 302 5.15 -11.33 2.66
N GLU B 303 4.28 -11.91 3.49
CA GLU B 303 3.64 -11.22 4.60
C GLU B 303 4.62 -10.49 5.53
N TYR B 304 5.78 -11.08 5.77
CA TYR B 304 6.79 -10.49 6.66
C TYR B 304 7.95 -9.85 5.91
N ALA B 305 7.87 -9.83 4.58
CA ALA B 305 8.95 -9.31 3.73
C ALA B 305 9.32 -7.85 3.97
N SER B 306 10.60 -7.57 3.83
CA SER B 306 11.13 -6.22 4.00
C SER B 306 12.62 -6.24 3.67
N TYR B 307 13.22 -5.06 3.65
CA TYR B 307 14.65 -5.01 3.43
C TYR B 307 15.19 -5.45 4.77
N ASN B 308 16.24 -6.26 4.77
CA ASN B 308 16.77 -6.78 6.01
C ASN B 308 18.16 -7.35 5.73
N TYR B 309 18.91 -7.63 6.78
CA TYR B 309 20.22 -8.23 6.59
C TYR B 309 19.93 -9.57 5.91
N ARG B 310 20.59 -9.85 4.79
CA ARG B 310 20.36 -11.09 4.08
C ARG B 310 20.58 -12.30 5.00
N ALA B 311 21.45 -12.12 6.00
CA ALA B 311 21.77 -13.17 6.96
C ALA B 311 20.55 -13.65 7.74
N PHE B 312 19.59 -12.75 7.95
CA PHE B 312 18.40 -13.16 8.68
C PHE B 312 17.61 -14.19 7.89
N ASP B 313 17.43 -13.94 6.59
CA ASP B 313 16.69 -14.86 5.73
C ASP B 313 17.36 -16.25 5.77
N PHE B 314 18.69 -16.25 5.74
CA PHE B 314 19.44 -17.51 5.76
C PHE B 314 19.31 -18.26 7.07
N ALA B 315 19.61 -17.57 8.16
CA ALA B 315 19.54 -18.16 9.49
C ALA B 315 18.13 -18.65 9.79
N ASN B 316 17.14 -17.82 9.47
CA ASN B 316 15.75 -18.20 9.72
C ASN B 316 15.40 -19.48 8.98
N HIS B 317 15.80 -19.55 7.72
CA HIS B 317 15.53 -20.71 6.89
C HIS B 317 16.22 -21.97 7.43
N PHE B 318 17.48 -21.84 7.82
CA PHE B 318 18.21 -23.00 8.35
C PHE B 318 17.53 -23.52 9.61
N ILE B 319 17.07 -22.61 10.45
CA ILE B 319 16.37 -23.00 11.66
C ILE B 319 15.11 -23.81 11.31
N GLU B 320 14.40 -23.38 10.26
CA GLU B 320 13.19 -24.10 9.87
C GLU B 320 13.43 -25.59 9.57
N TRP B 321 14.67 -25.96 9.30
CA TRP B 321 15.01 -27.37 9.06
C TRP B 321 14.71 -28.19 10.32
N THR B 322 14.71 -27.51 11.47
CA THR B 322 14.50 -28.18 12.76
C THR B 322 13.09 -28.09 13.32
N ILE B 323 12.22 -27.32 12.66
CA ILE B 323 10.86 -27.15 13.14
C ILE B 323 9.83 -27.77 12.20
N ASP B 324 9.24 -28.88 12.67
CA ASP B 324 8.24 -29.61 11.91
C ASP B 324 6.86 -29.15 12.37
N TYR B 325 6.00 -28.80 11.42
CA TYR B 325 4.66 -28.34 11.74
C TYR B 325 3.59 -29.40 11.47
N ASP B 326 3.97 -30.52 10.86
CA ASP B 326 3.01 -31.58 10.60
C ASP B 326 2.94 -32.50 11.81
N ILE B 327 2.46 -31.95 12.92
CA ILE B 327 2.35 -32.70 14.16
C ILE B 327 0.88 -32.66 14.58
N ASP B 328 0.29 -33.83 14.76
CA ASP B 328 -1.12 -33.94 15.14
C ASP B 328 -1.39 -33.80 16.63
N GLU B 329 -0.35 -33.89 17.44
CA GLU B 329 -0.51 -33.77 18.88
C GLU B 329 -0.01 -32.41 19.37
N ALA B 330 -0.71 -31.82 20.32
CA ALA B 330 -0.31 -30.54 20.87
C ALA B 330 1.16 -30.64 21.25
N PRO B 331 1.91 -29.54 21.15
CA PRO B 331 1.52 -28.19 20.72
C PRO B 331 1.43 -28.02 19.21
N PHE B 332 1.44 -29.13 18.49
CA PHE B 332 1.31 -29.15 17.04
C PHE B 332 2.56 -28.74 16.23
N TYR B 333 3.72 -28.93 16.84
CA TYR B 333 4.99 -28.64 16.20
C TYR B 333 6.03 -29.47 16.96
N LYS B 334 7.14 -29.76 16.31
CA LYS B 334 8.20 -30.52 16.96
C LYS B 334 9.56 -29.96 16.52
N ILE B 335 10.40 -29.69 17.50
CA ILE B 335 11.72 -29.14 17.24
C ILE B 335 12.80 -30.20 17.46
N GLN B 336 13.60 -30.44 16.42
CA GLN B 336 14.70 -31.41 16.49
C GLN B 336 15.97 -30.65 16.08
N THR B 337 16.56 -29.96 17.04
CA THR B 337 17.77 -29.17 16.82
C THR B 337 18.89 -29.92 16.09
N GLU B 338 18.89 -31.25 16.21
CA GLU B 338 19.91 -32.06 15.57
C GLU B 338 19.76 -32.07 14.05
N ASN B 339 18.63 -31.59 13.56
CA ASN B 339 18.39 -31.56 12.13
C ASN B 339 18.89 -30.28 11.48
N PHE B 340 19.47 -29.39 12.29
CA PHE B 340 19.99 -28.13 11.75
C PHE B 340 21.06 -28.49 10.70
N PRO B 341 21.07 -27.79 9.55
CA PRO B 341 22.07 -28.12 8.54
C PRO B 341 23.51 -28.12 9.07
N GLU B 342 24.30 -29.07 8.57
CA GLU B 342 25.70 -29.18 8.94
C GLU B 342 26.40 -28.01 8.26
N ASN B 343 27.61 -27.70 8.70
CA ASN B 343 28.36 -26.60 8.09
C ASN B 343 28.44 -26.78 6.57
N ASP B 344 28.81 -27.99 6.15
CA ASP B 344 28.94 -28.30 4.73
C ASP B 344 27.63 -28.10 3.98
N GLN B 345 26.51 -28.34 4.64
CA GLN B 345 25.21 -28.17 4.02
C GLN B 345 24.89 -26.68 3.84
N MET B 346 25.26 -25.86 4.81
CA MET B 346 25.01 -24.43 4.69
C MET B 346 25.91 -23.90 3.57
N LEU B 347 27.10 -24.49 3.46
CA LEU B 347 28.05 -24.06 2.44
C LEU B 347 27.55 -24.38 1.04
N GLU B 348 27.02 -25.59 0.84
CA GLU B 348 26.49 -25.96 -0.47
C GLU B 348 25.36 -25.00 -0.86
N PHE B 349 24.52 -24.65 0.11
CA PHE B 349 23.40 -23.73 -0.10
C PHE B 349 23.96 -22.40 -0.64
N PHE B 350 24.93 -21.84 0.07
CA PHE B 350 25.53 -20.59 -0.35
C PHE B 350 26.24 -20.68 -1.71
N LEU B 351 26.85 -21.82 -2.00
CA LEU B 351 27.51 -21.99 -3.30
C LEU B 351 26.46 -21.79 -4.39
N ASN B 352 25.29 -22.39 -4.20
CA ASN B 352 24.21 -22.27 -5.17
C ASN B 352 23.65 -20.85 -5.23
N TYR B 353 23.49 -20.24 -4.05
CA TYR B 353 22.97 -18.88 -3.95
C TYR B 353 23.89 -17.87 -4.63
N LEU B 354 25.18 -17.93 -4.33
CA LEU B 354 26.14 -17.01 -4.91
C LEU B 354 26.27 -17.24 -6.41
N ARG B 355 26.26 -18.50 -6.82
CA ARG B 355 26.37 -18.81 -8.23
C ARG B 355 25.19 -18.23 -9.00
N GLU B 356 23.99 -18.32 -8.41
CA GLU B 356 22.78 -17.81 -9.03
C GLU B 356 22.78 -16.27 -9.17
N GLN B 357 23.31 -15.56 -8.17
CA GLN B 357 23.33 -14.09 -8.24
C GLN B 357 24.32 -13.58 -9.28
N GLY B 358 25.25 -14.44 -9.69
CA GLY B 358 26.22 -14.09 -10.72
C GLY B 358 27.25 -13.01 -10.50
N ASN B 359 27.54 -12.67 -9.25
CA ASN B 359 28.54 -11.63 -8.98
C ASN B 359 29.83 -12.24 -8.41
N THR B 360 29.90 -13.56 -8.34
CA THR B 360 31.07 -14.22 -7.79
C THR B 360 31.74 -15.18 -8.77
N ARG B 361 33.02 -14.96 -9.01
CA ARG B 361 33.79 -15.82 -9.92
C ARG B 361 33.87 -17.23 -9.33
N GLU B 362 33.87 -18.22 -10.21
CA GLU B 362 33.92 -19.62 -9.82
C GLU B 362 35.03 -19.93 -8.82
N ASN B 363 36.21 -19.35 -9.03
CA ASN B 363 37.33 -19.60 -8.13
C ASN B 363 37.23 -18.89 -6.79
N GLU B 364 36.17 -18.09 -6.61
CA GLU B 364 35.99 -17.38 -5.35
C GLU B 364 34.73 -17.82 -4.58
N LEU B 365 33.91 -18.66 -5.21
CA LEU B 365 32.66 -19.14 -4.60
C LEU B 365 32.83 -19.82 -3.24
N TYR B 366 33.77 -20.74 -3.14
CA TYR B 366 33.94 -21.44 -1.87
C TYR B 366 34.25 -20.51 -0.70
N LYS B 367 35.26 -19.66 -0.83
CA LYS B 367 35.59 -18.77 0.28
C LYS B 367 34.46 -17.76 0.57
N LYS B 368 33.72 -17.38 -0.46
CA LYS B 368 32.61 -16.44 -0.25
C LYS B 368 31.52 -17.16 0.54
N SER B 369 31.31 -18.44 0.22
CA SER B 369 30.32 -19.24 0.92
C SER B 369 30.71 -19.41 2.38
N GLU B 370 32.00 -19.64 2.63
CA GLU B 370 32.51 -19.78 3.99
C GLU B 370 32.21 -18.52 4.78
N ASP B 371 32.41 -17.38 4.13
CA ASP B 371 32.16 -16.09 4.77
C ASP B 371 30.66 -15.98 5.10
N LEU B 372 29.83 -16.38 4.15
CA LEU B 372 28.37 -16.33 4.33
C LEU B 372 27.93 -17.12 5.56
N VAL B 373 28.57 -18.26 5.82
CA VAL B 373 28.22 -19.06 6.99
C VAL B 373 28.48 -18.24 8.26
N GLN B 374 29.65 -17.64 8.37
CA GLN B 374 29.95 -16.84 9.57
C GLN B 374 29.02 -15.64 9.69
N GLU B 375 28.67 -15.06 8.55
CA GLU B 375 27.78 -13.91 8.51
C GLU B 375 26.38 -14.30 9.02
N THR B 376 25.97 -15.53 8.72
CA THR B 376 24.65 -16.04 9.09
C THR B 376 24.44 -16.43 10.56
N LEU B 377 25.41 -17.12 11.16
CA LEU B 377 25.28 -17.58 12.54
C LEU B 377 24.76 -16.59 13.57
N PRO B 378 25.26 -15.34 13.57
CA PRO B 378 24.80 -14.35 14.54
C PRO B 378 23.28 -14.14 14.52
N PHE B 379 22.66 -14.41 13.37
CA PHE B 379 21.22 -14.20 13.25
C PHE B 379 20.36 -15.40 13.65
N VAL B 380 21.01 -16.48 14.06
CA VAL B 380 20.28 -17.66 14.50
C VAL B 380 19.47 -17.26 15.75
N PRO B 381 20.13 -16.67 16.76
CA PRO B 381 19.35 -16.27 17.94
C PRO B 381 18.37 -15.12 17.62
N VAL B 382 18.68 -14.32 16.61
CA VAL B 382 17.81 -13.22 16.23
C VAL B 382 16.48 -13.78 15.76
N SER B 383 16.53 -14.83 14.94
CA SER B 383 15.34 -15.48 14.44
C SER B 383 14.53 -16.03 15.62
N HIS B 384 15.20 -16.72 16.54
CA HIS B 384 14.54 -17.29 17.71
C HIS B 384 13.84 -16.24 18.58
N PHE B 385 14.49 -15.09 18.78
CA PHE B 385 13.88 -14.04 19.59
C PHE B 385 12.66 -13.46 18.86
N PHE B 386 12.83 -13.21 17.56
CA PHE B 386 11.76 -12.64 16.72
C PHE B 386 10.47 -13.45 16.82
N TRP B 387 10.55 -14.73 16.43
CA TRP B 387 9.39 -15.59 16.46
C TRP B 387 8.97 -15.98 17.88
N GLY B 388 9.89 -15.84 18.83
CA GLY B 388 9.56 -16.15 20.21
C GLY B 388 8.58 -15.13 20.73
N VAL B 389 8.90 -13.85 20.56
CA VAL B 389 8.03 -12.78 21.00
C VAL B 389 6.73 -12.82 20.18
N TRP B 390 6.87 -13.16 18.89
CA TRP B 390 5.70 -13.25 18.01
C TRP B 390 4.76 -14.34 18.52
N GLY B 391 5.33 -15.49 18.85
CA GLY B 391 4.53 -16.60 19.34
C GLY B 391 3.75 -16.24 20.60
N LEU B 392 4.41 -15.59 21.55
CA LEU B 392 3.77 -15.20 22.79
C LEU B 392 2.60 -14.24 22.54
N LEU B 393 2.75 -13.35 21.57
CA LEU B 393 1.69 -12.39 21.26
C LEU B 393 0.52 -13.04 20.55
N GLN B 394 0.80 -14.04 19.71
CA GLN B 394 -0.25 -14.74 18.98
C GLN B 394 -1.18 -15.47 19.94
N VAL B 395 -0.70 -15.74 21.15
CA VAL B 395 -1.50 -16.44 22.15
C VAL B 395 -2.85 -15.74 22.35
N GLU B 396 -2.81 -14.44 22.61
CA GLU B 396 -4.03 -13.69 22.82
C GLU B 396 -4.69 -13.15 21.54
N LEU B 397 -3.99 -13.24 20.41
CA LEU B 397 -4.55 -12.70 19.16
C LEU B 397 -5.00 -13.69 18.09
N SER B 398 -4.40 -14.88 18.06
CA SER B 398 -4.73 -15.84 17.02
C SER B 398 -5.72 -16.94 17.41
N PRO B 399 -6.64 -17.27 16.49
CA PRO B 399 -7.64 -18.31 16.68
C PRO B 399 -7.12 -19.61 16.09
N VAL B 400 -5.96 -19.54 15.44
CA VAL B 400 -5.36 -20.71 14.84
C VAL B 400 -5.12 -21.78 15.90
N GLY B 401 -5.42 -23.02 15.56
CA GLY B 401 -5.23 -24.12 16.49
C GLY B 401 -3.77 -24.51 16.53
N PHE B 402 -2.96 -23.71 17.23
CA PHE B 402 -1.54 -23.97 17.33
C PHE B 402 -1.05 -23.64 18.73
N GLY B 403 -0.09 -24.41 19.22
CA GLY B 403 0.44 -24.18 20.56
C GLY B 403 1.36 -22.97 20.62
N PHE B 404 0.79 -21.78 20.51
CA PHE B 404 1.56 -20.54 20.53
C PHE B 404 2.32 -20.27 21.84
N ALA B 405 1.70 -20.63 22.96
CA ALA B 405 2.32 -20.42 24.27
C ALA B 405 3.60 -21.22 24.38
N ASP B 406 3.54 -22.49 23.98
CA ASP B 406 4.72 -23.35 24.03
C ASP B 406 5.74 -22.96 22.97
N TYR B 407 5.24 -22.54 21.80
CA TYR B 407 6.11 -22.16 20.69
C TYR B 407 6.97 -20.95 21.01
N GLY B 408 6.35 -19.92 21.57
CA GLY B 408 7.08 -18.72 21.92
C GLY B 408 8.12 -18.99 22.99
N ARG B 409 7.78 -19.87 23.94
CA ARG B 409 8.70 -20.21 25.01
C ARG B 409 9.87 -21.05 24.49
N ASP B 410 9.59 -21.93 23.53
CA ASP B 410 10.63 -22.78 22.96
C ASP B 410 11.60 -21.97 22.10
N ARG B 411 11.06 -21.06 21.27
CA ARG B 411 11.92 -20.24 20.42
C ARG B 411 12.76 -19.33 21.33
N LEU B 412 12.13 -18.74 22.34
CA LEU B 412 12.86 -17.85 23.25
C LEU B 412 13.98 -18.59 23.99
N SER B 413 13.75 -19.83 24.39
CA SER B 413 14.80 -20.58 25.08
C SER B 413 15.96 -20.82 24.12
N LEU B 414 15.65 -21.00 22.85
CA LEU B 414 16.68 -21.21 21.85
C LEU B 414 17.46 -19.91 21.62
N TYR B 415 16.79 -18.78 21.84
CA TYR B 415 17.44 -17.48 21.72
C TYR B 415 18.54 -17.40 22.79
N PHE B 416 18.16 -17.68 24.03
CA PHE B 416 19.13 -17.64 25.11
C PHE B 416 20.22 -18.68 24.90
N LYS B 417 19.86 -19.83 24.36
CA LYS B 417 20.82 -20.90 24.11
C LYS B 417 21.90 -20.49 23.12
N HIS B 418 21.54 -19.66 22.14
CA HIS B 418 22.48 -19.23 21.12
C HIS B 418 22.80 -17.75 21.14
N LYS B 419 22.43 -17.08 22.21
CA LYS B 419 22.65 -15.64 22.34
C LYS B 419 24.10 -15.21 22.09
N GLN B 420 25.05 -16.06 22.46
CA GLN B 420 26.46 -15.72 22.29
C GLN B 420 26.88 -15.51 20.84
N LEU B 421 26.22 -16.21 19.92
CA LEU B 421 26.54 -16.07 18.50
C LEU B 421 26.31 -14.64 18.05
N LEU B 422 25.34 -13.96 18.68
CA LEU B 422 25.03 -12.58 18.33
C LEU B 422 25.99 -11.66 19.08
N LYS B 423 26.24 -11.98 20.35
CA LYS B 423 27.12 -11.19 21.19
C LYS B 423 28.49 -11.10 20.52
N ASN B 424 28.89 -12.16 19.82
CA ASN B 424 30.17 -12.22 19.12
C ASN B 424 30.40 -11.06 18.16
N LEU B 425 29.33 -10.46 17.66
CA LEU B 425 29.46 -9.35 16.72
C LEU B 425 30.16 -8.15 17.37
N ALA B 426 30.25 -8.17 18.70
CA ALA B 426 30.89 -7.09 19.42
C ALA B 426 32.40 -7.33 19.45
#